data_2MM0
#
_entry.id   2MM0
#
_cell.length_a   1.000
_cell.length_b   1.000
_cell.length_c   1.000
_cell.angle_alpha   90.00
_cell.angle_beta   90.00
_cell.angle_gamma   90.00
#
_symmetry.space_group_name_H-M   'P 1'
#
_entity_poly.entity_id   1
_entity_poly.type   'polypeptide(L)'
_entity_poly.pdbx_seq_one_letter_code
;NCVANILNINEAVIATGCVPAGGELRIFVGSSHSYLIKATSSCGLSLTNQVFINGESVQSGGRC
;
_entity_poly.pdbx_strand_id   A
#
# COMPACT_ATOMS: atom_id res chain seq x y z
N ASN A 1 -9.57 10.31 5.06
CA ASN A 1 -9.03 9.29 4.19
C ASN A 1 -7.64 8.86 4.65
N CYS A 2 -7.06 7.89 3.95
CA CYS A 2 -5.74 7.38 4.29
C CYS A 2 -4.87 7.24 3.04
N VAL A 3 -3.56 7.27 3.24
CA VAL A 3 -2.62 7.13 2.13
C VAL A 3 -1.94 5.77 2.13
N ALA A 4 -1.70 5.23 0.94
CA ALA A 4 -1.06 3.92 0.81
C ALA A 4 0.29 4.04 0.12
N ASN A 5 1.33 3.54 0.76
CA ASN A 5 2.68 3.59 0.20
C ASN A 5 3.32 2.20 0.20
N ILE A 6 4.10 1.93 -0.84
CA ILE A 6 4.77 0.64 -0.96
C ILE A 6 6.29 0.80 -0.90
N LEU A 7 6.94 -0.04 -0.11
CA LEU A 7 8.39 0.01 0.03
C LEU A 7 9.03 -1.26 -0.49
N ASN A 8 10.30 -1.17 -0.89
CA ASN A 8 11.04 -2.31 -1.41
C ASN A 8 11.79 -3.03 -0.29
N ILE A 9 12.69 -3.93 -0.67
CA ILE A 9 13.47 -4.68 0.30
C ILE A 9 14.22 -3.76 1.25
N ASN A 10 14.68 -2.62 0.73
CA ASN A 10 15.39 -1.63 1.53
C ASN A 10 14.42 -0.73 2.29
N GLU A 11 13.15 -1.10 2.28
CA GLU A 11 12.12 -0.32 2.96
C GLU A 11 12.06 1.10 2.40
N ALA A 12 12.41 1.24 1.12
CA ALA A 12 12.37 2.54 0.46
C ALA A 12 11.09 2.71 -0.34
N VAL A 13 10.43 3.86 -0.15
CA VAL A 13 9.19 4.15 -0.86
C VAL A 13 9.38 4.01 -2.38
N ILE A 14 8.76 3.00 -2.95
CA ILE A 14 8.86 2.76 -4.39
C ILE A 14 7.53 3.05 -5.08
N ALA A 15 6.45 3.00 -4.33
CA ALA A 15 5.12 3.26 -4.86
C ALA A 15 4.30 4.15 -3.93
N THR A 16 3.33 4.86 -4.49
CA THR A 16 2.48 5.74 -3.70
C THR A 16 1.05 5.75 -4.23
N GLY A 17 0.09 5.94 -3.33
CA GLY A 17 -1.30 5.97 -3.73
C GLY A 17 -2.22 6.43 -2.61
N CYS A 18 -3.47 6.71 -2.96
CA CYS A 18 -4.45 7.17 -1.98
C CYS A 18 -5.54 6.12 -1.77
N VAL A 19 -5.94 5.94 -0.51
CA VAL A 19 -6.97 4.96 -0.18
C VAL A 19 -8.08 5.61 0.65
N PRO A 20 -9.33 5.35 0.26
CA PRO A 20 -10.51 5.89 0.95
C PRO A 20 -10.70 5.27 2.34
N ALA A 21 -11.71 5.76 3.06
CA ALA A 21 -11.99 5.26 4.40
C ALA A 21 -12.75 3.93 4.34
N GLY A 22 -12.15 2.88 4.90
CA GLY A 22 -12.77 1.59 4.89
C GLY A 22 -12.85 0.98 3.51
N GLY A 23 -11.95 1.40 2.63
CA GLY A 23 -11.94 0.89 1.27
C GLY A 23 -10.61 0.24 0.90
N GLU A 24 -10.21 0.38 -0.35
CA GLU A 24 -8.96 -0.18 -0.82
C GLU A 24 -8.63 0.31 -2.23
N LEU A 25 -7.34 0.44 -2.51
CA LEU A 25 -6.88 0.92 -3.81
C LEU A 25 -5.60 0.22 -4.23
N ARG A 26 -5.48 -0.07 -5.53
CA ARG A 26 -4.29 -0.74 -6.06
C ARG A 26 -3.24 0.28 -6.51
N ILE A 27 -2.04 0.14 -5.98
CA ILE A 27 -0.94 1.04 -6.34
C ILE A 27 0.03 0.38 -7.31
N PHE A 28 0.64 1.19 -8.17
CA PHE A 28 1.60 0.68 -9.15
C PHE A 28 3.01 0.67 -8.58
N VAL A 29 3.58 -0.52 -8.45
CA VAL A 29 4.93 -0.67 -7.91
C VAL A 29 5.80 -1.52 -8.83
N GLY A 30 6.83 -0.90 -9.40
CA GLY A 30 7.73 -1.62 -10.29
C GLY A 30 7.49 -1.28 -11.74
N SER A 31 8.41 -1.69 -12.61
CA SER A 31 8.29 -1.42 -14.04
C SER A 31 6.96 -1.92 -14.57
N SER A 32 6.43 -2.96 -13.95
CA SER A 32 5.15 -3.54 -14.36
C SER A 32 4.56 -4.42 -13.26
N HIS A 33 4.05 -3.78 -12.21
CA HIS A 33 3.46 -4.51 -11.09
C HIS A 33 2.61 -3.58 -10.24
N SER A 34 1.80 -4.17 -9.36
CA SER A 34 0.92 -3.39 -8.48
C SER A 34 0.45 -4.24 -7.31
N TYR A 35 0.02 -3.57 -6.25
CA TYR A 35 -0.46 -4.26 -5.05
C TYR A 35 -1.67 -3.56 -4.46
N LEU A 36 -2.68 -4.33 -4.08
CA LEU A 36 -3.90 -3.77 -3.50
C LEU A 36 -3.71 -3.46 -2.03
N ILE A 37 -4.09 -2.24 -1.64
CA ILE A 37 -3.95 -1.82 -0.25
C ILE A 37 -5.31 -1.45 0.35
N LYS A 38 -5.72 -2.21 1.37
CA LYS A 38 -7.00 -1.97 2.03
C LYS A 38 -6.81 -1.11 3.28
N ALA A 39 -7.68 -0.12 3.44
CA ALA A 39 -7.62 0.77 4.60
C ALA A 39 -8.68 0.41 5.63
N THR A 40 -8.24 0.06 6.83
CA THR A 40 -9.16 -0.31 7.90
C THR A 40 -9.73 0.93 8.59
N SER A 41 -10.69 0.72 9.47
CA SER A 41 -11.33 1.82 10.19
C SER A 41 -10.29 2.65 10.93
N SER A 42 -9.17 2.02 11.27
CA SER A 42 -8.10 2.71 11.98
C SER A 42 -6.97 3.10 11.03
N CYS A 43 -7.30 3.20 9.74
CA CYS A 43 -6.32 3.58 8.73
C CYS A 43 -5.24 2.50 8.61
N GLY A 44 -5.59 1.27 8.97
CA GLY A 44 -4.64 0.18 8.90
C GLY A 44 -4.52 -0.39 7.49
N LEU A 45 -3.32 -0.31 6.92
CA LEU A 45 -3.08 -0.82 5.58
C LEU A 45 -2.83 -2.33 5.60
N SER A 46 -3.31 -3.02 4.58
CA SER A 46 -3.14 -4.46 4.48
C SER A 46 -3.47 -4.96 3.08
N LEU A 47 -2.98 -6.14 2.74
CA LEU A 47 -3.22 -6.72 1.43
C LEU A 47 -4.57 -7.44 1.39
N THR A 48 -5.09 -7.66 0.19
CA THR A 48 -6.37 -8.33 0.02
C THR A 48 -6.16 -9.79 -0.40
N ASN A 49 -6.12 -10.67 0.59
CA ASN A 49 -5.92 -12.10 0.33
C ASN A 49 -4.72 -12.34 -0.58
N GLN A 50 -3.73 -11.45 -0.48
CA GLN A 50 -2.52 -11.56 -1.29
C GLN A 50 -1.28 -11.41 -0.43
N VAL A 51 -0.15 -11.88 -0.94
CA VAL A 51 1.11 -11.80 -0.22
C VAL A 51 2.11 -10.90 -0.94
N PHE A 52 3.14 -10.46 -0.23
CA PHE A 52 4.15 -9.58 -0.81
C PHE A 52 5.30 -10.40 -1.40
N ILE A 53 6.27 -9.70 -1.98
CA ILE A 53 7.42 -10.35 -2.58
C ILE A 53 8.62 -9.42 -2.64
N ASN A 54 9.82 -9.99 -2.56
CA ASN A 54 11.05 -9.21 -2.61
C ASN A 54 11.14 -8.28 -1.39
N GLY A 55 10.32 -8.55 -0.38
CA GLY A 55 10.32 -7.73 0.82
C GLY A 55 9.40 -6.54 0.70
N GLU A 56 8.53 -6.55 -0.31
CA GLU A 56 7.59 -5.46 -0.52
C GLU A 56 6.72 -5.25 0.71
N SER A 57 6.78 -4.04 1.27
CA SER A 57 6.00 -3.71 2.45
C SER A 57 5.08 -2.52 2.19
N VAL A 58 4.10 -2.32 3.06
CA VAL A 58 3.16 -1.22 2.92
C VAL A 58 3.23 -0.27 4.11
N GLN A 59 3.14 1.02 3.85
CA GLN A 59 3.20 2.03 4.89
C GLN A 59 2.15 3.11 4.67
N SER A 60 1.60 3.63 5.77
CA SER A 60 0.59 4.67 5.69
C SER A 60 1.22 6.05 5.46
N GLY A 61 1.13 6.54 4.23
CA GLY A 61 1.70 7.83 3.90
C GLY A 61 1.09 8.95 4.71
N GLY A 62 -0.07 8.68 5.32
CA GLY A 62 -0.74 9.69 6.11
C GLY A 62 -2.16 9.96 5.65
N ARG A 63 -2.57 11.21 5.72
CA ARG A 63 -3.92 11.61 5.30
C ARG A 63 -3.93 12.04 3.84
N CYS A 64 -5.00 11.70 3.13
CA CYS A 64 -5.13 12.05 1.73
C CYS A 64 -5.59 13.50 1.57
N ASN A 1 -9.96 9.85 4.61
CA ASN A 1 -9.24 8.82 3.85
C ASN A 1 -7.80 8.72 4.31
N CYS A 2 -7.13 7.64 3.91
CA CYS A 2 -5.74 7.41 4.27
C CYS A 2 -4.85 7.31 3.03
N VAL A 3 -3.55 7.19 3.25
CA VAL A 3 -2.60 7.08 2.15
C VAL A 3 -1.84 5.76 2.21
N ALA A 4 -1.57 5.19 1.03
CA ALA A 4 -0.85 3.93 0.94
C ALA A 4 0.49 4.10 0.23
N ASN A 5 1.53 3.52 0.80
CA ASN A 5 2.87 3.61 0.22
C ASN A 5 3.56 2.25 0.21
N ILE A 6 4.29 1.97 -0.86
CA ILE A 6 4.99 0.70 -0.99
C ILE A 6 6.50 0.90 -0.91
N LEU A 7 7.16 0.08 -0.10
CA LEU A 7 8.61 0.17 0.06
C LEU A 7 9.29 -1.12 -0.38
N ASN A 8 10.57 -1.03 -0.74
CA ASN A 8 11.33 -2.19 -1.18
C ASN A 8 11.95 -2.92 0.00
N ILE A 9 12.79 -3.91 -0.29
CA ILE A 9 13.44 -4.68 0.75
C ILE A 9 14.26 -3.78 1.68
N ASN A 10 14.67 -2.63 1.17
CA ASN A 10 15.44 -1.68 1.95
C ASN A 10 14.54 -0.65 2.61
N GLU A 11 13.24 -0.93 2.63
CA GLU A 11 12.27 -0.02 3.23
C GLU A 11 12.30 1.34 2.55
N ALA A 12 12.53 1.34 1.24
CA ALA A 12 12.58 2.57 0.47
C ALA A 12 11.30 2.76 -0.35
N VAL A 13 10.63 3.89 -0.12
CA VAL A 13 9.39 4.20 -0.83
C VAL A 13 9.59 4.11 -2.34
N ILE A 14 8.96 3.12 -2.96
CA ILE A 14 9.07 2.93 -4.40
C ILE A 14 7.74 3.21 -5.09
N ALA A 15 6.65 3.12 -4.34
CA ALA A 15 5.32 3.37 -4.88
C ALA A 15 4.49 4.21 -3.91
N THR A 16 3.48 4.89 -4.45
CA THR A 16 2.60 5.73 -3.63
C THR A 16 1.17 5.70 -4.16
N GLY A 17 0.21 5.92 -3.26
CA GLY A 17 -1.18 5.90 -3.65
C GLY A 17 -2.10 6.38 -2.53
N CYS A 18 -3.35 6.65 -2.87
CA CYS A 18 -4.33 7.11 -1.89
C CYS A 18 -5.44 6.09 -1.71
N VAL A 19 -5.78 5.81 -0.46
CA VAL A 19 -6.83 4.85 -0.15
C VAL A 19 -7.95 5.49 0.67
N PRO A 20 -9.20 5.25 0.25
CA PRO A 20 -10.37 5.79 0.93
C PRO A 20 -10.60 5.16 2.31
N ALA A 21 -11.75 5.46 2.90
CA ALA A 21 -12.09 4.91 4.22
C ALA A 21 -12.78 3.56 4.09
N GLY A 22 -12.16 2.53 4.65
CA GLY A 22 -12.73 1.20 4.59
C GLY A 22 -12.71 0.62 3.19
N GLY A 23 -11.91 1.22 2.31
CA GLY A 23 -11.81 0.75 0.95
C GLY A 23 -10.43 0.20 0.63
N GLU A 24 -10.18 -0.04 -0.66
CA GLU A 24 -8.89 -0.57 -1.10
C GLU A 24 -8.50 0.02 -2.45
N LEU A 25 -7.20 0.24 -2.62
CA LEU A 25 -6.69 0.81 -3.87
C LEU A 25 -5.41 0.09 -4.31
N ARG A 26 -5.22 -0.01 -5.62
CA ARG A 26 -4.04 -0.68 -6.17
C ARG A 26 -2.97 0.34 -6.54
N ILE A 27 -1.76 0.13 -6.03
CA ILE A 27 -0.65 1.04 -6.32
C ILE A 27 0.32 0.42 -7.32
N PHE A 28 0.88 1.27 -8.18
CA PHE A 28 1.82 0.80 -9.20
C PHE A 28 3.25 0.83 -8.66
N VAL A 29 3.87 -0.35 -8.58
CA VAL A 29 5.23 -0.46 -8.08
C VAL A 29 6.10 -1.27 -9.05
N GLY A 30 7.11 -0.61 -9.61
CA GLY A 30 8.00 -1.26 -10.55
C GLY A 30 7.65 -0.96 -12.00
N SER A 31 6.74 -0.02 -12.20
CA SER A 31 6.30 0.36 -13.53
C SER A 31 5.90 -0.87 -14.34
N SER A 32 5.40 -1.89 -13.64
CA SER A 32 4.98 -3.12 -14.29
C SER A 32 4.02 -3.91 -13.39
N HIS A 33 4.33 -3.94 -12.11
CA HIS A 33 3.50 -4.66 -11.14
C HIS A 33 2.75 -3.68 -10.25
N SER A 34 1.87 -4.22 -9.40
CA SER A 34 1.08 -3.40 -8.49
C SER A 34 0.68 -4.19 -7.25
N TYR A 35 0.29 -3.47 -6.20
CA TYR A 35 -0.12 -4.11 -4.95
C TYR A 35 -1.35 -3.42 -4.37
N LEU A 36 -2.38 -4.22 -4.07
CA LEU A 36 -3.61 -3.69 -3.51
C LEU A 36 -3.45 -3.40 -2.01
N ILE A 37 -3.91 -2.22 -1.59
CA ILE A 37 -3.83 -1.83 -0.20
C ILE A 37 -5.20 -1.50 0.37
N LYS A 38 -5.58 -2.21 1.42
CA LYS A 38 -6.88 -1.98 2.06
C LYS A 38 -6.72 -1.20 3.36
N ALA A 39 -7.56 -0.19 3.55
CA ALA A 39 -7.51 0.63 4.76
C ALA A 39 -8.65 0.26 5.71
N THR A 40 -8.28 -0.18 6.91
CA THR A 40 -9.26 -0.56 7.91
C THR A 40 -9.78 0.67 8.67
N SER A 41 -10.64 0.42 9.66
CA SER A 41 -11.20 1.51 10.45
C SER A 41 -10.10 2.31 11.15
N SER A 42 -8.96 1.67 11.37
CA SER A 42 -7.83 2.32 12.03
C SER A 42 -6.78 2.74 11.00
N CYS A 43 -7.20 2.86 9.75
CA CYS A 43 -6.31 3.27 8.68
C CYS A 43 -5.23 2.21 8.45
N GLY A 44 -5.46 1.01 8.98
CA GLY A 44 -4.51 -0.07 8.81
C GLY A 44 -4.40 -0.54 7.37
N LEU A 45 -3.17 -0.59 6.87
CA LEU A 45 -2.93 -1.02 5.49
C LEU A 45 -2.63 -2.53 5.44
N SER A 46 -3.09 -3.18 4.38
CA SER A 46 -2.88 -4.61 4.21
C SER A 46 -3.42 -5.08 2.86
N LEU A 47 -2.85 -6.15 2.34
CA LEU A 47 -3.27 -6.71 1.06
C LEU A 47 -4.64 -7.37 1.18
N THR A 48 -5.37 -7.41 0.08
CA THR A 48 -6.70 -8.01 0.07
C THR A 48 -6.63 -9.50 -0.26
N ASN A 49 -6.70 -10.34 0.78
CA ASN A 49 -6.64 -11.78 0.61
C ASN A 49 -5.39 -12.18 -0.17
N GLN A 50 -4.35 -11.35 -0.07
CA GLN A 50 -3.10 -11.63 -0.76
C GLN A 50 -1.90 -11.45 0.19
N VAL A 51 -0.75 -11.94 -0.24
CA VAL A 51 0.47 -11.84 0.57
C VAL A 51 1.55 -11.07 -0.18
N PHE A 52 2.22 -10.16 0.54
CA PHE A 52 3.28 -9.35 -0.05
C PHE A 52 4.31 -10.24 -0.76
N ILE A 53 5.17 -9.61 -1.54
CA ILE A 53 6.20 -10.34 -2.28
C ILE A 53 7.35 -9.42 -2.66
N ASN A 54 8.36 -9.99 -3.31
CA ASN A 54 9.52 -9.22 -3.74
C ASN A 54 10.12 -8.43 -2.57
N GLY A 55 9.93 -8.95 -1.36
CA GLY A 55 10.45 -8.28 -0.18
C GLY A 55 9.98 -6.85 -0.06
N GLU A 56 8.73 -6.61 -0.44
CA GLU A 56 8.16 -5.27 -0.39
C GLU A 56 7.19 -5.14 0.79
N SER A 57 7.10 -3.95 1.35
CA SER A 57 6.22 -3.69 2.48
C SER A 57 5.32 -2.48 2.21
N VAL A 58 4.28 -2.34 3.02
CA VAL A 58 3.35 -1.22 2.88
C VAL A 58 3.39 -0.30 4.08
N GLN A 59 3.25 1.00 3.85
CA GLN A 59 3.28 1.98 4.92
C GLN A 59 2.19 3.04 4.72
N SER A 60 1.65 3.53 5.84
CA SER A 60 0.60 4.54 5.78
C SER A 60 1.18 5.93 5.56
N GLY A 61 1.09 6.41 4.33
CA GLY A 61 1.61 7.72 4.00
C GLY A 61 0.95 8.83 4.79
N GLY A 62 -0.20 8.52 5.37
CA GLY A 62 -0.94 9.50 6.16
C GLY A 62 -2.37 9.64 5.72
N ARG A 63 -2.83 10.88 5.57
CA ARG A 63 -4.21 11.14 5.15
C ARG A 63 -4.25 11.69 3.73
N CYS A 64 -5.29 11.31 2.99
CA CYS A 64 -5.44 11.76 1.61
C CYS A 64 -5.68 13.27 1.55
N ASN A 1 -10.14 9.27 5.13
CA ASN A 1 -9.29 8.61 4.14
C ASN A 1 -7.86 8.51 4.63
N CYS A 2 -7.09 7.61 4.02
CA CYS A 2 -5.69 7.41 4.39
C CYS A 2 -4.81 7.29 3.16
N VAL A 3 -3.51 7.17 3.37
CA VAL A 3 -2.56 7.04 2.27
C VAL A 3 -1.81 5.72 2.33
N ALA A 4 -1.55 5.14 1.17
CA ALA A 4 -0.84 3.87 1.09
C ALA A 4 0.49 4.02 0.35
N ASN A 5 1.54 3.45 0.91
CA ASN A 5 2.87 3.52 0.31
C ASN A 5 3.56 2.16 0.34
N ILE A 6 4.35 1.89 -0.69
CA ILE A 6 5.06 0.61 -0.79
C ILE A 6 6.56 0.83 -0.71
N LEU A 7 7.24 0.00 0.07
CA LEU A 7 8.69 0.09 0.23
C LEU A 7 9.37 -1.17 -0.28
N ASN A 8 10.63 -1.02 -0.70
CA ASN A 8 11.39 -2.14 -1.23
C ASN A 8 12.16 -2.84 -0.10
N ILE A 9 13.08 -3.72 -0.49
CA ILE A 9 13.90 -4.45 0.49
C ILE A 9 14.63 -3.50 1.41
N ASN A 10 14.95 -2.31 0.91
CA ASN A 10 15.66 -1.31 1.69
C ASN A 10 14.68 -0.38 2.39
N GLU A 11 13.44 -0.83 2.54
CA GLU A 11 12.40 -0.02 3.18
C GLU A 11 12.31 1.37 2.55
N ALA A 12 12.66 1.45 1.26
CA ALA A 12 12.60 2.71 0.54
C ALA A 12 11.31 2.85 -0.25
N VAL A 13 10.62 3.97 -0.05
CA VAL A 13 9.37 4.23 -0.74
C VAL A 13 9.53 4.10 -2.25
N ILE A 14 8.97 3.03 -2.81
CA ILE A 14 9.05 2.79 -4.24
C ILE A 14 7.71 3.05 -4.93
N ALA A 15 6.64 3.00 -4.15
CA ALA A 15 5.30 3.24 -4.67
C ALA A 15 4.48 4.11 -3.73
N THR A 16 3.46 4.77 -4.27
CA THR A 16 2.61 5.64 -3.46
C THR A 16 1.18 5.64 -4.00
N GLY A 17 0.22 5.88 -3.11
CA GLY A 17 -1.17 5.91 -3.52
C GLY A 17 -2.09 6.36 -2.41
N CYS A 18 -3.33 6.69 -2.75
CA CYS A 18 -4.30 7.14 -1.77
C CYS A 18 -5.42 6.11 -1.59
N VAL A 19 -5.70 5.77 -0.34
CA VAL A 19 -6.73 4.80 -0.02
C VAL A 19 -7.87 5.44 0.78
N PRO A 20 -9.12 5.17 0.36
CA PRO A 20 -10.30 5.70 1.04
C PRO A 20 -10.52 5.09 2.41
N ALA A 21 -11.64 5.44 3.04
CA ALA A 21 -11.97 4.91 4.37
C ALA A 21 -12.71 3.58 4.27
N GLY A 22 -12.12 2.54 4.82
CA GLY A 22 -12.74 1.22 4.78
C GLY A 22 -12.68 0.59 3.41
N GLY A 23 -11.98 1.24 2.48
CA GLY A 23 -11.86 0.73 1.14
C GLY A 23 -10.47 0.18 0.84
N GLU A 24 -10.12 0.14 -0.43
CA GLU A 24 -8.81 -0.38 -0.84
C GLU A 24 -8.45 0.12 -2.24
N LEU A 25 -7.17 0.38 -2.46
CA LEU A 25 -6.69 0.86 -3.75
C LEU A 25 -5.44 0.10 -4.19
N ARG A 26 -5.29 -0.07 -5.49
CA ARG A 26 -4.14 -0.78 -6.04
C ARG A 26 -3.05 0.20 -6.48
N ILE A 27 -1.91 0.17 -5.79
CA ILE A 27 -0.80 1.04 -6.11
C ILE A 27 0.16 0.39 -7.10
N PHE A 28 0.77 1.20 -7.95
CA PHE A 28 1.71 0.70 -8.96
C PHE A 28 3.12 0.65 -8.39
N VAL A 29 3.70 -0.55 -8.34
CA VAL A 29 5.05 -0.73 -7.82
C VAL A 29 5.95 -1.36 -8.87
N GLY A 30 6.25 -0.60 -9.92
CA GLY A 30 7.10 -1.10 -10.99
C GLY A 30 6.33 -1.43 -12.24
N SER A 31 7.05 -1.60 -13.35
CA SER A 31 6.43 -1.92 -14.63
C SER A 31 5.63 -3.22 -14.54
N SER A 32 4.33 -3.14 -14.81
CA SER A 32 3.47 -4.31 -14.76
C SER A 32 3.41 -4.88 -13.35
N HIS A 33 3.64 -4.03 -12.36
CA HIS A 33 3.61 -4.44 -10.97
C HIS A 33 2.72 -3.52 -10.14
N SER A 34 1.96 -4.11 -9.22
CA SER A 34 1.06 -3.34 -8.36
C SER A 34 0.54 -4.20 -7.22
N TYR A 35 0.19 -3.55 -6.11
CA TYR A 35 -0.32 -4.26 -4.94
C TYR A 35 -1.54 -3.54 -4.37
N LEU A 36 -2.53 -4.32 -3.96
CA LEU A 36 -3.76 -3.77 -3.39
C LEU A 36 -3.59 -3.47 -1.90
N ILE A 37 -3.97 -2.26 -1.51
CA ILE A 37 -3.86 -1.85 -0.10
C ILE A 37 -5.22 -1.46 0.45
N LYS A 38 -5.68 -2.21 1.46
CA LYS A 38 -6.96 -1.94 2.09
C LYS A 38 -6.78 -1.15 3.38
N ALA A 39 -7.46 -0.01 3.47
CA ALA A 39 -7.37 0.84 4.66
C ALA A 39 -8.61 0.67 5.55
N THR A 40 -8.39 0.18 6.75
CA THR A 40 -9.49 -0.03 7.70
C THR A 40 -9.85 1.26 8.42
N SER A 41 -10.85 1.19 9.29
CA SER A 41 -11.29 2.36 10.03
C SER A 41 -10.15 2.96 10.84
N SER A 42 -9.18 2.12 11.19
CA SER A 42 -8.02 2.57 11.97
C SER A 42 -6.90 3.02 11.04
N CYS A 43 -7.23 3.23 9.77
CA CYS A 43 -6.25 3.66 8.78
C CYS A 43 -5.15 2.61 8.60
N GLY A 44 -5.42 1.40 9.08
CA GLY A 44 -4.45 0.33 8.96
C GLY A 44 -4.42 -0.26 7.55
N LEU A 45 -3.20 -0.45 7.03
CA LEU A 45 -3.04 -1.01 5.70
C LEU A 45 -2.88 -2.52 5.74
N SER A 46 -3.25 -3.19 4.66
CA SER A 46 -3.16 -4.64 4.58
C SER A 46 -3.66 -5.15 3.23
N LEU A 47 -2.96 -6.12 2.67
CA LEU A 47 -3.33 -6.69 1.38
C LEU A 47 -4.71 -7.33 1.46
N THR A 48 -5.32 -7.56 0.30
CA THR A 48 -6.64 -8.16 0.22
C THR A 48 -6.56 -9.59 -0.35
N ASN A 49 -6.55 -10.57 0.54
CA ASN A 49 -6.48 -11.97 0.12
C ASN A 49 -5.32 -12.18 -0.85
N GLN A 50 -4.15 -11.67 -0.51
CA GLN A 50 -2.98 -11.81 -1.36
C GLN A 50 -1.70 -11.78 -0.52
N VAL A 51 -0.59 -12.16 -1.13
CA VAL A 51 0.70 -12.17 -0.45
C VAL A 51 1.62 -11.09 -0.99
N PHE A 52 2.82 -10.99 -0.42
CA PHE A 52 3.79 -9.99 -0.84
C PHE A 52 4.93 -10.64 -1.61
N ILE A 53 5.82 -9.81 -2.14
CA ILE A 53 6.97 -10.29 -2.91
C ILE A 53 8.12 -9.31 -2.85
N ASN A 54 9.32 -9.79 -3.18
CA ASN A 54 10.51 -8.94 -3.17
C ASN A 54 10.65 -8.22 -1.83
N GLY A 55 10.11 -8.82 -0.78
CA GLY A 55 10.19 -8.21 0.54
C GLY A 55 9.53 -6.85 0.59
N GLU A 56 8.61 -6.60 -0.34
CA GLU A 56 7.91 -5.33 -0.40
C GLU A 56 6.98 -5.15 0.80
N SER A 57 7.07 -3.99 1.44
CA SER A 57 6.24 -3.69 2.60
C SER A 57 5.32 -2.50 2.34
N VAL A 58 4.28 -2.39 3.15
CA VAL A 58 3.32 -1.29 3.00
C VAL A 58 3.35 -0.37 4.22
N GLN A 59 3.28 0.93 3.98
CA GLN A 59 3.28 1.90 5.07
C GLN A 59 2.24 2.99 4.82
N SER A 60 1.67 3.50 5.90
CA SER A 60 0.65 4.54 5.81
C SER A 60 1.29 5.91 5.60
N GLY A 61 1.23 6.40 4.37
CA GLY A 61 1.81 7.70 4.05
C GLY A 61 1.17 8.82 4.84
N GLY A 62 -0.01 8.56 5.42
CA GLY A 62 -0.71 9.56 6.18
C GLY A 62 -2.16 9.68 5.80
N ARG A 63 -2.67 10.91 5.71
CA ARG A 63 -4.06 11.14 5.35
C ARG A 63 -4.17 11.62 3.90
N CYS A 64 -5.29 11.29 3.27
CA CYS A 64 -5.52 11.69 1.88
C CYS A 64 -6.00 13.13 1.81
N ASN A 1 -9.32 10.37 4.72
CA ASN A 1 -8.86 9.17 4.03
C ASN A 1 -7.46 8.79 4.50
N CYS A 2 -6.86 7.81 3.83
CA CYS A 2 -5.52 7.34 4.17
C CYS A 2 -4.65 7.22 2.92
N VAL A 3 -3.34 7.16 3.12
CA VAL A 3 -2.40 7.04 2.02
C VAL A 3 -1.67 5.71 2.06
N ALA A 4 -1.51 5.09 0.89
CA ALA A 4 -0.82 3.80 0.81
C ALA A 4 0.53 3.95 0.11
N ASN A 5 1.58 3.46 0.76
CA ASN A 5 2.93 3.55 0.20
C ASN A 5 3.59 2.18 0.18
N ILE A 6 4.29 1.87 -0.91
CA ILE A 6 4.98 0.60 -1.06
C ILE A 6 6.49 0.78 -0.97
N LEU A 7 7.12 -0.05 -0.15
CA LEU A 7 8.58 0.00 0.03
C LEU A 7 9.24 -1.28 -0.47
N ASN A 8 10.51 -1.18 -0.83
CA ASN A 8 11.26 -2.33 -1.33
C ASN A 8 11.88 -3.10 -0.17
N ILE A 9 12.71 -4.09 -0.49
CA ILE A 9 13.38 -4.90 0.51
C ILE A 9 14.23 -4.03 1.43
N ASN A 10 14.57 -2.84 0.97
CA ASN A 10 15.38 -1.92 1.75
C ASN A 10 14.50 -0.90 2.46
N GLU A 11 13.21 -1.17 2.52
CA GLU A 11 12.27 -0.26 3.18
C GLU A 11 12.30 1.11 2.53
N ALA A 12 12.53 1.14 1.22
CA ALA A 12 12.59 2.39 0.48
C ALA A 12 11.32 2.60 -0.34
N VAL A 13 10.66 3.74 -0.12
CA VAL A 13 9.43 4.05 -0.84
C VAL A 13 9.63 3.96 -2.35
N ILE A 14 8.98 2.99 -2.97
CA ILE A 14 9.08 2.79 -4.41
C ILE A 14 7.77 3.11 -5.11
N ALA A 15 6.67 3.02 -4.36
CA ALA A 15 5.34 3.31 -4.91
C ALA A 15 4.51 4.11 -3.93
N THR A 16 3.45 4.74 -4.43
CA THR A 16 2.56 5.54 -3.60
C THR A 16 1.16 5.58 -4.17
N GLY A 17 0.18 5.82 -3.30
CA GLY A 17 -1.21 5.87 -3.74
C GLY A 17 -2.14 6.35 -2.64
N CYS A 18 -3.37 6.67 -3.02
CA CYS A 18 -4.37 7.13 -2.07
C CYS A 18 -5.43 6.07 -1.80
N VAL A 19 -5.77 5.87 -0.53
CA VAL A 19 -6.77 4.88 -0.15
C VAL A 19 -7.85 5.51 0.72
N PRO A 20 -9.12 5.20 0.38
CA PRO A 20 -10.27 5.73 1.12
C PRO A 20 -10.39 5.12 2.52
N ALA A 21 -11.42 5.55 3.25
CA ALA A 21 -11.65 5.05 4.59
C ALA A 21 -12.44 3.75 4.57
N GLY A 22 -11.83 2.67 5.09
CA GLY A 22 -12.49 1.39 5.11
C GLY A 22 -12.54 0.73 3.75
N GLY A 23 -11.84 1.32 2.78
CA GLY A 23 -11.82 0.78 1.44
C GLY A 23 -10.48 0.18 1.07
N GLU A 24 -10.11 0.26 -0.20
CA GLU A 24 -8.85 -0.29 -0.67
C GLU A 24 -8.53 0.21 -2.08
N LEU A 25 -7.25 0.44 -2.34
CA LEU A 25 -6.81 0.93 -3.65
C LEU A 25 -5.57 0.17 -4.13
N ARG A 26 -5.42 0.06 -5.44
CA ARG A 26 -4.28 -0.64 -6.02
C ARG A 26 -3.20 0.35 -6.45
N ILE A 27 -1.97 0.07 -6.06
CA ILE A 27 -0.84 0.93 -6.41
C ILE A 27 0.11 0.24 -7.38
N PHE A 28 0.83 1.03 -8.16
CA PHE A 28 1.78 0.49 -9.13
C PHE A 28 3.21 0.60 -8.62
N VAL A 29 3.87 -0.55 -8.48
CA VAL A 29 5.24 -0.57 -8.00
C VAL A 29 6.21 -0.96 -9.12
N GLY A 30 6.55 0.00 -9.95
CA GLY A 30 7.47 -0.26 -11.05
C GLY A 30 6.78 -0.23 -12.40
N SER A 31 5.50 0.14 -12.40
CA SER A 31 4.72 0.19 -13.63
C SER A 31 4.61 -1.18 -14.27
N SER A 32 4.89 -2.22 -13.49
CA SER A 32 4.82 -3.59 -13.97
C SER A 32 3.93 -4.44 -13.09
N HIS A 33 4.16 -4.36 -11.77
CA HIS A 33 3.36 -5.12 -10.81
C HIS A 33 2.70 -4.20 -9.80
N SER A 34 1.39 -4.35 -9.62
CA SER A 34 0.64 -3.53 -8.69
C SER A 34 0.20 -4.35 -7.48
N TYR A 35 -0.06 -3.66 -6.37
CA TYR A 35 -0.49 -4.32 -5.14
C TYR A 35 -1.67 -3.59 -4.51
N LEU A 36 -2.71 -4.34 -4.17
CA LEU A 36 -3.90 -3.77 -3.55
C LEU A 36 -3.70 -3.56 -2.05
N ILE A 37 -4.05 -2.37 -1.58
CA ILE A 37 -3.90 -2.04 -0.17
C ILE A 37 -5.25 -1.65 0.43
N LYS A 38 -5.64 -2.35 1.49
CA LYS A 38 -6.90 -2.07 2.17
C LYS A 38 -6.67 -1.28 3.46
N ALA A 39 -7.42 -0.21 3.63
CA ALA A 39 -7.30 0.63 4.81
C ALA A 39 -8.45 0.36 5.79
N THR A 40 -8.08 0.05 7.04
CA THR A 40 -9.08 -0.22 8.06
C THR A 40 -9.55 1.06 8.73
N SER A 41 -10.40 0.92 9.74
CA SER A 41 -10.93 2.07 10.47
C SER A 41 -9.80 2.91 11.07
N SER A 42 -8.70 2.23 11.42
CA SER A 42 -7.55 2.90 12.00
C SER A 42 -6.50 3.21 10.94
N CYS A 43 -6.94 3.28 9.68
CA CYS A 43 -6.04 3.55 8.57
C CYS A 43 -4.99 2.46 8.42
N GLY A 44 -5.29 1.29 8.97
CA GLY A 44 -4.37 0.17 8.90
C GLY A 44 -4.27 -0.41 7.50
N LEU A 45 -3.05 -0.44 6.95
CA LEU A 45 -2.83 -0.97 5.62
C LEU A 45 -2.51 -2.46 5.67
N SER A 46 -2.92 -3.19 4.63
CA SER A 46 -2.67 -4.63 4.56
C SER A 46 -3.25 -5.21 3.27
N LEU A 47 -2.68 -6.33 2.84
CA LEU A 47 -3.13 -6.99 1.61
C LEU A 47 -4.54 -7.54 1.77
N THR A 48 -5.16 -7.91 0.66
CA THR A 48 -6.52 -8.46 0.68
C THR A 48 -6.55 -9.89 0.17
N ASN A 49 -6.42 -10.84 1.09
CA ASN A 49 -6.43 -12.26 0.73
C ASN A 49 -5.25 -12.60 -0.19
N GLN A 50 -4.27 -11.70 -0.23
CA GLN A 50 -3.09 -11.91 -1.06
C GLN A 50 -1.81 -11.74 -0.25
N VAL A 51 -0.67 -12.01 -0.88
CA VAL A 51 0.62 -11.88 -0.22
C VAL A 51 1.57 -11.02 -1.03
N PHE A 52 2.66 -10.58 -0.41
CA PHE A 52 3.64 -9.74 -1.07
C PHE A 52 4.87 -10.56 -1.47
N ILE A 53 5.81 -9.91 -2.14
CA ILE A 53 7.04 -10.57 -2.57
C ILE A 53 8.17 -9.57 -2.76
N ASN A 54 9.34 -10.08 -3.12
CA ASN A 54 10.52 -9.22 -3.33
C ASN A 54 10.74 -8.31 -2.13
N GLY A 55 10.33 -8.79 -0.94
CA GLY A 55 10.50 -8.00 0.26
C GLY A 55 9.79 -6.66 0.19
N GLU A 56 8.60 -6.66 -0.41
CA GLU A 56 7.82 -5.44 -0.54
C GLU A 56 6.91 -5.23 0.67
N SER A 57 7.03 -4.07 1.29
CA SER A 57 6.22 -3.75 2.46
C SER A 57 5.30 -2.55 2.19
N VAL A 58 4.33 -2.36 3.06
CA VAL A 58 3.38 -1.25 2.92
C VAL A 58 3.47 -0.30 4.11
N GLN A 59 3.32 0.99 3.83
CA GLN A 59 3.38 2.01 4.88
C GLN A 59 2.29 3.06 4.68
N SER A 60 1.76 3.57 5.79
CA SER A 60 0.71 4.58 5.74
C SER A 60 1.30 5.96 5.50
N GLY A 61 1.24 6.42 4.27
CA GLY A 61 1.77 7.73 3.93
C GLY A 61 1.10 8.85 4.71
N GLY A 62 -0.07 8.56 5.27
CA GLY A 62 -0.80 9.55 6.04
C GLY A 62 -2.21 9.75 5.54
N ARG A 63 -2.62 11.01 5.37
CA ARG A 63 -3.95 11.33 4.91
C ARG A 63 -3.92 11.77 3.44
N CYS A 64 -5.01 11.48 2.73
CA CYS A 64 -5.11 11.84 1.32
C CYS A 64 -5.24 13.35 1.15
N ASN A 1 -9.29 10.44 4.99
CA ASN A 1 -8.88 9.25 4.24
C ASN A 1 -7.57 8.69 4.79
N CYS A 2 -6.99 7.74 4.05
CA CYS A 2 -5.73 7.13 4.45
C CYS A 2 -4.81 6.94 3.24
N VAL A 3 -3.59 7.46 3.36
CA VAL A 3 -2.61 7.34 2.28
C VAL A 3 -1.94 5.98 2.29
N ALA A 4 -1.65 5.45 1.11
CA ALA A 4 -1.00 4.15 0.99
C ALA A 4 0.33 4.28 0.27
N ASN A 5 1.38 3.70 0.87
CA ASN A 5 2.71 3.75 0.28
C ASN A 5 3.36 2.36 0.30
N ILE A 6 4.11 2.06 -0.76
CA ILE A 6 4.79 0.78 -0.87
C ILE A 6 6.30 0.94 -0.80
N LEU A 7 6.96 0.05 -0.09
CA LEU A 7 8.41 0.09 0.05
C LEU A 7 9.05 -1.19 -0.49
N ASN A 8 10.33 -1.10 -0.86
CA ASN A 8 11.05 -2.25 -1.39
C ASN A 8 11.67 -3.07 -0.26
N ILE A 9 12.49 -4.05 -0.63
CA ILE A 9 13.14 -4.90 0.35
C ILE A 9 13.98 -4.09 1.32
N ASN A 10 14.37 -2.89 0.90
CA ASN A 10 15.18 -2.00 1.73
C ASN A 10 14.29 -1.00 2.47
N GLU A 11 13.00 -1.27 2.50
CA GLU A 11 12.05 -0.39 3.17
C GLU A 11 12.08 1.01 2.56
N ALA A 12 12.37 1.08 1.27
CA ALA A 12 12.43 2.36 0.57
C ALA A 12 11.17 2.59 -0.25
N VAL A 13 10.50 3.71 0.01
CA VAL A 13 9.28 4.06 -0.71
C VAL A 13 9.48 3.97 -2.22
N ILE A 14 8.85 2.98 -2.83
CA ILE A 14 8.96 2.79 -4.28
C ILE A 14 7.65 3.11 -4.97
N ALA A 15 6.55 3.08 -4.22
CA ALA A 15 5.23 3.38 -4.76
C ALA A 15 4.42 4.25 -3.81
N THR A 16 3.42 4.94 -4.35
CA THR A 16 2.58 5.81 -3.54
C THR A 16 1.16 5.86 -4.09
N GLY A 17 0.20 6.12 -3.21
CA GLY A 17 -1.19 6.19 -3.62
C GLY A 17 -2.10 6.66 -2.51
N CYS A 18 -3.40 6.72 -2.80
CA CYS A 18 -4.39 7.17 -1.81
C CYS A 18 -5.48 6.11 -1.62
N VAL A 19 -5.87 5.90 -0.37
CA VAL A 19 -6.92 4.93 -0.05
C VAL A 19 -8.01 5.56 0.79
N PRO A 20 -9.27 5.31 0.41
CA PRO A 20 -10.44 5.84 1.13
C PRO A 20 -10.63 5.19 2.49
N ALA A 21 -11.58 5.70 3.26
CA ALA A 21 -11.86 5.17 4.59
C ALA A 21 -12.67 3.87 4.50
N GLY A 22 -12.10 2.79 5.00
CA GLY A 22 -12.78 1.51 4.97
C GLY A 22 -12.85 0.92 3.58
N GLY A 23 -11.95 1.37 2.70
CA GLY A 23 -11.93 0.87 1.34
C GLY A 23 -10.61 0.21 0.99
N GLU A 24 -10.19 0.38 -0.26
CA GLU A 24 -8.94 -0.22 -0.73
C GLU A 24 -8.58 0.31 -2.12
N LEU A 25 -7.28 0.45 -2.36
CA LEU A 25 -6.80 0.94 -3.66
C LEU A 25 -5.53 0.20 -4.08
N ARG A 26 -5.34 0.08 -5.39
CA ARG A 26 -4.17 -0.60 -5.93
C ARG A 26 -3.12 0.41 -6.39
N ILE A 27 -1.93 0.33 -5.80
CA ILE A 27 -0.83 1.23 -6.16
C ILE A 27 0.11 0.58 -7.17
N PHE A 28 0.70 1.41 -8.02
CA PHE A 28 1.63 0.91 -9.04
C PHE A 28 3.05 0.87 -8.50
N VAL A 29 3.59 -0.34 -8.39
CA VAL A 29 4.96 -0.53 -7.88
C VAL A 29 5.78 -1.38 -8.83
N GLY A 30 6.82 -0.79 -9.41
CA GLY A 30 7.67 -1.52 -10.33
C GLY A 30 7.53 -1.02 -11.76
N SER A 31 8.15 -1.74 -12.69
CA SER A 31 8.08 -1.37 -14.11
C SER A 31 6.69 -1.62 -14.68
N SER A 32 5.98 -2.57 -14.09
CA SER A 32 4.63 -2.90 -14.55
C SER A 32 3.92 -3.80 -13.53
N HIS A 33 4.05 -3.44 -12.25
CA HIS A 33 3.42 -4.21 -11.18
C HIS A 33 2.60 -3.30 -10.27
N SER A 34 1.79 -3.90 -9.41
CA SER A 34 0.94 -3.15 -8.49
C SER A 34 0.46 -4.03 -7.34
N TYR A 35 0.07 -3.40 -6.24
CA TYR A 35 -0.41 -4.13 -5.07
C TYR A 35 -1.63 -3.44 -4.47
N LEU A 36 -2.61 -4.25 -4.09
CA LEU A 36 -3.84 -3.72 -3.50
C LEU A 36 -3.67 -3.48 -2.01
N ILE A 37 -4.07 -2.31 -1.55
CA ILE A 37 -3.97 -1.96 -0.14
C ILE A 37 -5.33 -1.61 0.44
N LYS A 38 -5.75 -2.37 1.45
CA LYS A 38 -7.04 -2.13 2.10
C LYS A 38 -6.86 -1.35 3.39
N ALA A 39 -7.66 -0.30 3.55
CA ALA A 39 -7.59 0.54 4.75
C ALA A 39 -8.74 0.22 5.70
N THR A 40 -8.39 -0.12 6.94
CA THR A 40 -9.39 -0.45 7.96
C THR A 40 -9.88 0.81 8.67
N SER A 41 -10.76 0.61 9.65
CA SER A 41 -11.31 1.73 10.41
C SER A 41 -10.19 2.55 11.04
N SER A 42 -9.09 1.88 11.39
CA SER A 42 -7.95 2.55 12.01
C SER A 42 -6.90 2.91 10.96
N CYS A 43 -7.33 3.02 9.71
CA CYS A 43 -6.43 3.37 8.62
C CYS A 43 -5.36 2.30 8.44
N GLY A 44 -5.62 1.11 8.98
CA GLY A 44 -4.67 0.01 8.88
C GLY A 44 -4.54 -0.51 7.46
N LEU A 45 -3.32 -0.55 6.95
CA LEU A 45 -3.07 -1.03 5.60
C LEU A 45 -2.76 -2.52 5.60
N SER A 46 -3.18 -3.21 4.54
CA SER A 46 -2.93 -4.64 4.42
C SER A 46 -3.51 -5.18 3.11
N LEU A 47 -2.77 -6.09 2.48
CA LEU A 47 -3.20 -6.69 1.22
C LEU A 47 -4.52 -7.43 1.39
N THR A 48 -5.02 -7.98 0.29
CA THR A 48 -6.27 -8.72 0.31
C THR A 48 -6.04 -10.20 0.04
N ASN A 49 -5.75 -10.96 1.10
CA ASN A 49 -5.51 -12.38 0.97
C ASN A 49 -4.37 -12.66 0.00
N GLN A 50 -3.54 -11.65 -0.23
CA GLN A 50 -2.41 -11.78 -1.15
C GLN A 50 -1.08 -11.65 -0.40
N VAL A 51 -0.05 -12.31 -0.93
CA VAL A 51 1.27 -12.27 -0.32
C VAL A 51 2.20 -11.30 -1.07
N PHE A 52 3.13 -10.70 -0.34
CA PHE A 52 4.07 -9.76 -0.94
C PHE A 52 5.27 -10.50 -1.51
N ILE A 53 6.17 -9.76 -2.16
CA ILE A 53 7.36 -10.34 -2.76
C ILE A 53 8.47 -9.30 -2.90
N ASN A 54 9.68 -9.77 -3.16
CA ASN A 54 10.83 -8.89 -3.32
C ASN A 54 10.97 -7.97 -2.12
N GLY A 55 10.47 -8.40 -0.97
CA GLY A 55 10.55 -7.61 0.23
C GLY A 55 9.67 -6.37 0.17
N GLU A 56 8.54 -6.48 -0.51
CA GLU A 56 7.61 -5.37 -0.64
C GLU A 56 6.74 -5.22 0.60
N SER A 57 6.72 -4.02 1.16
CA SER A 57 5.94 -3.75 2.36
C SER A 57 5.02 -2.54 2.16
N VAL A 58 4.07 -2.36 3.07
CA VAL A 58 3.14 -1.24 2.99
C VAL A 58 3.30 -0.30 4.17
N GLN A 59 3.16 0.99 3.92
CA GLN A 59 3.31 2.00 4.96
C GLN A 59 2.30 3.13 4.76
N SER A 60 1.93 3.78 5.85
CA SER A 60 0.97 4.89 5.80
C SER A 60 1.65 6.18 5.37
N GLY A 61 1.22 6.71 4.23
CA GLY A 61 1.80 7.95 3.73
C GLY A 61 1.11 9.18 4.27
N GLY A 62 0.28 8.99 5.30
CA GLY A 62 -0.43 10.11 5.89
C GLY A 62 -1.91 10.10 5.54
N ARG A 63 -2.47 11.28 5.31
CA ARG A 63 -3.89 11.41 4.98
C ARG A 63 -4.06 12.07 3.62
N CYS A 64 -5.12 11.69 2.91
CA CYS A 64 -5.40 12.25 1.60
C CYS A 64 -6.01 13.64 1.72
N ASN A 1 -9.47 10.14 5.09
CA ASN A 1 -8.95 9.01 4.33
C ASN A 1 -7.55 8.63 4.83
N CYS A 2 -6.88 7.75 4.09
CA CYS A 2 -5.55 7.31 4.45
C CYS A 2 -4.65 7.21 3.22
N VAL A 3 -3.35 7.14 3.45
CA VAL A 3 -2.38 7.05 2.36
C VAL A 3 -1.68 5.70 2.35
N ALA A 4 -1.43 5.17 1.16
CA ALA A 4 -0.76 3.88 1.03
C ALA A 4 0.59 4.04 0.35
N ASN A 5 1.65 3.57 1.02
CA ASN A 5 3.00 3.67 0.48
C ASN A 5 3.66 2.29 0.43
N ILE A 6 4.30 1.99 -0.68
CA ILE A 6 4.98 0.71 -0.85
C ILE A 6 6.50 0.88 -0.78
N LEU A 7 7.14 0.01 -0.01
CA LEU A 7 8.59 0.06 0.15
C LEU A 7 9.24 -1.22 -0.38
N ASN A 8 10.50 -1.12 -0.77
CA ASN A 8 11.23 -2.27 -1.30
C ASN A 8 11.89 -3.05 -0.18
N ILE A 9 12.71 -4.04 -0.53
CA ILE A 9 13.40 -4.86 0.44
C ILE A 9 14.28 -4.01 1.36
N ASN A 10 14.61 -2.81 0.90
CA ASN A 10 15.45 -1.90 1.67
C ASN A 10 14.59 -0.89 2.42
N GLU A 11 13.29 -1.17 2.51
CA GLU A 11 12.37 -0.28 3.21
C GLU A 11 12.38 1.11 2.58
N ALA A 12 12.58 1.17 1.27
CA ALA A 12 12.62 2.43 0.56
C ALA A 12 11.34 2.65 -0.24
N VAL A 13 10.67 3.78 0.00
CA VAL A 13 9.43 4.10 -0.70
C VAL A 13 9.61 4.02 -2.20
N ILE A 14 8.98 3.02 -2.81
CA ILE A 14 9.07 2.83 -4.26
C ILE A 14 7.75 3.15 -4.94
N ALA A 15 6.67 3.08 -4.17
CA ALA A 15 5.34 3.38 -4.70
C ALA A 15 4.50 4.13 -3.68
N THR A 16 3.49 4.86 -4.16
CA THR A 16 2.61 5.62 -3.28
C THR A 16 1.22 5.77 -3.89
N GLY A 17 0.22 5.97 -3.04
CA GLY A 17 -1.14 6.12 -3.51
C GLY A 17 -2.08 6.60 -2.44
N CYS A 18 -3.35 6.79 -2.79
CA CYS A 18 -4.36 7.26 -1.84
C CYS A 18 -5.42 6.19 -1.60
N VAL A 19 -5.73 5.95 -0.33
CA VAL A 19 -6.73 4.95 0.03
C VAL A 19 -7.82 5.56 0.90
N PRO A 20 -9.09 5.26 0.56
CA PRO A 20 -10.25 5.78 1.30
C PRO A 20 -10.38 5.15 2.68
N ALA A 21 -11.43 5.53 3.41
CA ALA A 21 -11.66 5.00 4.74
C ALA A 21 -12.43 3.68 4.68
N GLY A 22 -11.81 2.62 5.18
CA GLY A 22 -12.46 1.32 5.18
C GLY A 22 -12.54 0.72 3.79
N GLY A 23 -11.75 1.26 2.87
CA GLY A 23 -11.75 0.76 1.51
C GLY A 23 -10.44 0.11 1.13
N GLU A 24 -10.03 0.28 -0.12
CA GLU A 24 -8.79 -0.30 -0.62
C GLU A 24 -8.45 0.23 -2.01
N LEU A 25 -7.16 0.40 -2.27
CA LEU A 25 -6.70 0.91 -3.55
C LEU A 25 -5.43 0.18 -4.00
N ARG A 26 -5.28 0.01 -5.31
CA ARG A 26 -4.12 -0.67 -5.87
C ARG A 26 -3.08 0.34 -6.33
N ILE A 27 -1.85 0.17 -5.87
CA ILE A 27 -0.75 1.06 -6.23
C ILE A 27 0.19 0.39 -7.22
N PHE A 28 0.87 1.22 -8.03
CA PHE A 28 1.81 0.70 -9.02
C PHE A 28 3.23 0.73 -8.49
N VAL A 29 3.84 -0.44 -8.37
CA VAL A 29 5.21 -0.55 -7.87
C VAL A 29 6.15 -1.01 -8.97
N GLY A 30 7.07 -0.13 -9.37
CA GLY A 30 8.03 -0.46 -10.41
C GLY A 30 7.43 -0.38 -11.79
N SER A 31 6.16 0.01 -11.86
CA SER A 31 5.47 0.13 -13.15
C SER A 31 5.37 -1.22 -13.84
N SER A 32 5.59 -2.29 -13.08
CA SER A 32 5.53 -3.64 -13.62
C SER A 32 4.97 -4.61 -12.60
N HIS A 33 4.35 -4.07 -11.55
CA HIS A 33 3.76 -4.89 -10.50
C HIS A 33 3.03 -4.02 -9.48
N SER A 34 1.70 -4.15 -9.46
CA SER A 34 0.88 -3.37 -8.53
C SER A 34 0.46 -4.22 -7.34
N TYR A 35 0.11 -3.55 -6.24
CA TYR A 35 -0.31 -4.24 -5.03
C TYR A 35 -1.51 -3.54 -4.40
N LEU A 36 -2.52 -4.33 -4.05
CA LEU A 36 -3.73 -3.80 -3.44
C LEU A 36 -3.52 -3.50 -1.96
N ILE A 37 -3.91 -2.31 -1.52
CA ILE A 37 -3.76 -1.91 -0.13
C ILE A 37 -5.11 -1.60 0.51
N LYS A 38 -5.50 -2.41 1.49
CA LYS A 38 -6.77 -2.22 2.18
C LYS A 38 -6.59 -1.35 3.41
N ALA A 39 -7.46 -0.34 3.56
CA ALA A 39 -7.39 0.57 4.70
C ALA A 39 -8.46 0.22 5.73
N THR A 40 -8.02 -0.16 6.93
CA THR A 40 -8.94 -0.52 8.00
C THR A 40 -9.52 0.73 8.65
N SER A 41 -10.51 0.53 9.52
CA SER A 41 -11.16 1.63 10.22
C SER A 41 -10.13 2.48 10.96
N SER A 42 -9.00 1.87 11.32
CA SER A 42 -7.94 2.56 12.04
C SER A 42 -6.80 2.94 11.09
N CYS A 43 -7.13 3.05 9.81
CA CYS A 43 -6.14 3.40 8.80
C CYS A 43 -5.06 2.34 8.70
N GLY A 44 -5.41 1.11 9.06
CA GLY A 44 -4.46 0.01 9.01
C GLY A 44 -4.31 -0.56 7.61
N LEU A 45 -3.13 -0.41 7.03
CA LEU A 45 -2.87 -0.91 5.69
C LEU A 45 -2.61 -2.42 5.71
N SER A 46 -3.00 -3.09 4.64
CA SER A 46 -2.82 -4.54 4.54
C SER A 46 -3.38 -5.07 3.22
N LEU A 47 -2.69 -6.05 2.65
CA LEU A 47 -3.11 -6.64 1.38
C LEU A 47 -4.49 -7.31 1.53
N THR A 48 -5.15 -7.50 0.40
CA THR A 48 -6.47 -8.12 0.40
C THR A 48 -6.41 -9.55 -0.15
N ASN A 49 -6.36 -10.53 0.74
CA ASN A 49 -6.29 -11.92 0.35
C ASN A 49 -5.18 -12.15 -0.67
N GLN A 50 -4.02 -11.54 -0.42
CA GLN A 50 -2.88 -11.68 -1.31
C GLN A 50 -1.57 -11.50 -0.53
N VAL A 51 -0.51 -12.14 -1.03
CA VAL A 51 0.80 -12.05 -0.39
C VAL A 51 1.74 -11.13 -1.16
N PHE A 52 2.82 -10.72 -0.52
CA PHE A 52 3.79 -9.84 -1.14
C PHE A 52 5.05 -10.60 -1.52
N ILE A 53 5.99 -9.91 -2.17
CA ILE A 53 7.25 -10.52 -2.58
C ILE A 53 8.35 -9.46 -2.74
N ASN A 54 9.54 -9.92 -3.09
CA ASN A 54 10.67 -9.02 -3.27
C ASN A 54 10.85 -8.12 -2.06
N GLY A 55 10.44 -8.62 -0.89
CA GLY A 55 10.57 -7.84 0.33
C GLY A 55 9.81 -6.54 0.27
N GLU A 56 8.63 -6.57 -0.35
CA GLU A 56 7.80 -5.38 -0.47
C GLU A 56 6.92 -5.20 0.76
N SER A 57 6.99 -4.02 1.36
CA SER A 57 6.21 -3.73 2.56
C SER A 57 5.29 -2.53 2.32
N VAL A 58 4.30 -2.36 3.20
CA VAL A 58 3.36 -1.26 3.08
C VAL A 58 3.43 -0.35 4.30
N GLN A 59 3.35 0.95 4.07
CA GLN A 59 3.41 1.93 5.15
C GLN A 59 2.34 3.00 4.97
N SER A 60 1.75 3.43 6.08
CA SER A 60 0.71 4.45 6.04
C SER A 60 1.31 5.84 5.92
N GLY A 61 1.31 6.37 4.70
CA GLY A 61 1.87 7.70 4.46
C GLY A 61 1.14 8.77 5.26
N GLY A 62 -0.04 8.46 5.75
CA GLY A 62 -0.81 9.41 6.52
C GLY A 62 -2.23 9.56 6.01
N ARG A 63 -2.67 10.80 5.87
CA ARG A 63 -4.02 11.08 5.38
C ARG A 63 -4.00 11.59 3.94
N CYS A 64 -5.09 11.36 3.22
CA CYS A 64 -5.19 11.78 1.83
C CYS A 64 -5.51 13.27 1.74
N ASN A 1 -10.02 9.67 4.42
CA ASN A 1 -9.26 8.67 3.66
C ASN A 1 -7.80 8.66 4.10
N CYS A 2 -7.13 7.53 3.89
CA CYS A 2 -5.74 7.38 4.26
C CYS A 2 -4.85 7.25 3.03
N VAL A 3 -3.54 7.15 3.25
CA VAL A 3 -2.59 7.02 2.15
C VAL A 3 -1.90 5.66 2.17
N ALA A 4 -1.64 5.11 1.00
CA ALA A 4 -0.98 3.82 0.88
C ALA A 4 0.35 3.94 0.13
N ASN A 5 1.42 3.48 0.76
CA ASN A 5 2.75 3.55 0.16
C ASN A 5 3.42 2.17 0.19
N ILE A 6 4.17 1.87 -0.85
CA ILE A 6 4.88 0.60 -0.96
C ILE A 6 6.39 0.79 -0.94
N LEU A 7 7.07 -0.03 -0.14
CA LEU A 7 8.52 0.06 -0.03
C LEU A 7 9.18 -1.23 -0.52
N ASN A 8 10.44 -1.13 -0.94
CA ASN A 8 11.17 -2.29 -1.44
C ASN A 8 11.86 -3.02 -0.29
N ILE A 9 12.69 -4.00 -0.64
CA ILE A 9 13.41 -4.77 0.36
C ILE A 9 14.28 -3.88 1.23
N ASN A 10 14.60 -2.69 0.72
CA ASN A 10 15.43 -1.74 1.44
C ASN A 10 14.57 -0.70 2.16
N GLU A 11 13.28 -0.99 2.28
CA GLU A 11 12.34 -0.09 2.94
C GLU A 11 12.33 1.27 2.26
N ALA A 12 12.53 1.26 0.94
CA ALA A 12 12.54 2.49 0.16
C ALA A 12 11.22 2.67 -0.60
N VAL A 13 10.57 3.80 -0.38
CA VAL A 13 9.30 4.09 -1.05
C VAL A 13 9.43 3.95 -2.57
N ILE A 14 8.77 2.94 -3.11
CA ILE A 14 8.81 2.70 -4.56
C ILE A 14 7.46 2.99 -5.20
N ALA A 15 6.40 2.91 -4.40
CA ALA A 15 5.05 3.17 -4.89
C ALA A 15 4.28 4.07 -3.94
N THR A 16 3.27 4.75 -4.46
CA THR A 16 2.45 5.65 -3.67
C THR A 16 1.03 5.73 -4.19
N GLY A 17 0.07 5.88 -3.28
CA GLY A 17 -1.32 5.96 -3.67
C GLY A 17 -2.22 6.39 -2.53
N CYS A 18 -3.50 6.63 -2.83
CA CYS A 18 -4.46 7.04 -1.82
C CYS A 18 -5.55 5.99 -1.66
N VAL A 19 -5.91 5.73 -0.40
CA VAL A 19 -6.93 4.74 -0.09
C VAL A 19 -8.08 5.37 0.71
N PRO A 20 -9.32 5.08 0.29
CA PRO A 20 -10.52 5.60 0.94
C PRO A 20 -10.74 4.98 2.32
N ALA A 21 -11.85 5.35 2.96
CA ALA A 21 -12.17 4.83 4.28
C ALA A 21 -12.90 3.49 4.19
N GLY A 22 -12.29 2.46 4.75
CA GLY A 22 -12.89 1.14 4.72
C GLY A 22 -12.88 0.53 3.32
N GLY A 23 -12.11 1.13 2.43
CA GLY A 23 -12.02 0.64 1.07
C GLY A 23 -10.64 0.11 0.74
N GLU A 24 -10.41 -0.19 -0.54
CA GLU A 24 -9.12 -0.71 -0.98
C GLU A 24 -8.74 -0.12 -2.34
N LEU A 25 -7.44 0.06 -2.55
CA LEU A 25 -6.93 0.62 -3.80
C LEU A 25 -5.62 -0.03 -4.20
N ARG A 26 -5.39 -0.16 -5.51
CA ARG A 26 -4.17 -0.76 -6.01
C ARG A 26 -3.13 0.31 -6.33
N ILE A 27 -1.86 0.01 -6.04
CA ILE A 27 -0.78 0.94 -6.30
C ILE A 27 0.25 0.35 -7.26
N PHE A 28 0.71 1.15 -8.21
CA PHE A 28 1.70 0.70 -9.17
C PHE A 28 3.08 0.64 -8.55
N VAL A 29 3.64 -0.57 -8.45
CA VAL A 29 4.97 -0.76 -7.88
C VAL A 29 5.85 -1.60 -8.80
N GLY A 30 6.91 -0.98 -9.31
CA GLY A 30 7.82 -1.68 -10.19
C GLY A 30 7.73 -1.18 -11.62
N SER A 31 8.40 -1.89 -12.54
CA SER A 31 8.39 -1.52 -13.94
C SER A 31 7.03 -1.78 -14.57
N SER A 32 6.30 -2.75 -14.02
CA SER A 32 4.98 -3.10 -14.53
C SER A 32 4.24 -4.01 -13.55
N HIS A 33 4.30 -3.63 -12.27
CA HIS A 33 3.63 -4.40 -11.23
C HIS A 33 2.78 -3.51 -10.33
N SER A 34 2.05 -4.11 -9.40
CA SER A 34 1.20 -3.35 -8.49
C SER A 34 0.71 -4.25 -7.34
N TYR A 35 0.27 -3.61 -6.27
CA TYR A 35 -0.22 -4.35 -5.10
C TYR A 35 -1.44 -3.66 -4.50
N LEU A 36 -2.44 -4.45 -4.14
CA LEU A 36 -3.67 -3.92 -3.55
C LEU A 36 -3.47 -3.61 -2.07
N ILE A 37 -3.86 -2.40 -1.68
CA ILE A 37 -3.73 -1.98 -0.29
C ILE A 37 -5.07 -1.51 0.27
N LYS A 38 -5.53 -2.18 1.33
CA LYS A 38 -6.79 -1.84 1.97
C LYS A 38 -6.56 -0.92 3.17
N ALA A 39 -7.61 -0.22 3.57
CA ALA A 39 -7.53 0.70 4.71
C ALA A 39 -8.70 0.49 5.66
N THR A 40 -8.40 0.07 6.88
CA THR A 40 -9.43 -0.16 7.88
C THR A 40 -9.84 1.14 8.57
N SER A 41 -10.83 1.05 9.46
CA SER A 41 -11.32 2.23 10.17
C SER A 41 -10.20 2.90 10.94
N SER A 42 -9.15 2.13 11.26
CA SER A 42 -8.02 2.66 12.00
C SER A 42 -6.94 3.17 11.05
N CYS A 43 -7.31 3.32 9.78
CA CYS A 43 -6.38 3.81 8.77
C CYS A 43 -5.22 2.83 8.57
N GLY A 44 -5.40 1.61 9.08
CA GLY A 44 -4.36 0.60 8.95
C GLY A 44 -4.32 -0.01 7.58
N LEU A 45 -3.11 -0.23 7.07
CA LEU A 45 -2.93 -0.82 5.74
C LEU A 45 -2.71 -2.33 5.83
N SER A 46 -3.12 -3.04 4.79
CA SER A 46 -2.98 -4.49 4.76
C SER A 46 -3.43 -5.05 3.42
N LEU A 47 -2.84 -6.18 3.03
CA LEU A 47 -3.18 -6.81 1.75
C LEU A 47 -4.61 -7.36 1.79
N THR A 48 -5.20 -7.54 0.61
CA THR A 48 -6.55 -8.06 0.49
C THR A 48 -6.56 -9.49 -0.01
N ASN A 49 -6.40 -10.44 0.91
CA ASN A 49 -6.39 -11.86 0.55
C ASN A 49 -5.20 -12.17 -0.35
N GLN A 50 -4.16 -11.36 -0.26
CA GLN A 50 -2.96 -11.56 -1.08
C GLN A 50 -1.70 -11.43 -0.24
N VAL A 51 -0.56 -11.74 -0.84
CA VAL A 51 0.72 -11.66 -0.14
C VAL A 51 1.71 -10.79 -0.90
N PHE A 52 2.76 -10.34 -0.21
CA PHE A 52 3.77 -9.50 -0.82
C PHE A 52 4.97 -10.33 -1.26
N ILE A 53 5.92 -9.67 -1.92
CA ILE A 53 7.13 -10.35 -2.40
C ILE A 53 8.29 -9.38 -2.52
N ASN A 54 9.45 -9.90 -2.91
CA ASN A 54 10.65 -9.08 -3.05
C ASN A 54 10.89 -8.23 -1.80
N GLY A 55 10.47 -8.76 -0.65
CA GLY A 55 10.65 -8.04 0.59
C GLY A 55 9.96 -6.69 0.59
N GLU A 56 8.83 -6.61 -0.10
CA GLU A 56 8.07 -5.37 -0.17
C GLU A 56 7.21 -5.17 1.07
N SER A 57 7.05 -3.91 1.47
CA SER A 57 6.24 -3.59 2.65
C SER A 57 5.30 -2.43 2.36
N VAL A 58 4.31 -2.25 3.23
CA VAL A 58 3.34 -1.17 3.07
C VAL A 58 3.46 -0.16 4.20
N GLN A 59 3.36 1.12 3.85
CA GLN A 59 3.45 2.19 4.84
C GLN A 59 2.32 3.20 4.67
N SER A 60 1.76 3.66 5.78
CA SER A 60 0.67 4.63 5.75
C SER A 60 1.20 6.03 5.52
N GLY A 61 1.07 6.51 4.28
CA GLY A 61 1.54 7.85 3.95
C GLY A 61 0.88 8.92 4.78
N GLY A 62 -0.25 8.58 5.40
CA GLY A 62 -0.96 9.54 6.22
C GLY A 62 -2.40 9.73 5.77
N ARG A 63 -2.86 10.97 5.81
CA ARG A 63 -4.23 11.29 5.42
C ARG A 63 -4.27 11.79 3.98
N CYS A 64 -5.31 11.40 3.25
CA CYS A 64 -5.46 11.80 1.85
C CYS A 64 -5.94 13.26 1.76
N ASN A 1 -9.66 10.18 4.79
CA ASN A 1 -9.11 9.00 4.13
C ASN A 1 -7.70 8.71 4.64
N CYS A 2 -7.04 7.75 4.00
CA CYS A 2 -5.69 7.37 4.39
C CYS A 2 -4.78 7.27 3.17
N VAL A 3 -3.48 7.16 3.41
CA VAL A 3 -2.51 7.05 2.33
C VAL A 3 -1.79 5.70 2.36
N ALA A 4 -1.49 5.17 1.17
CA ALA A 4 -0.82 3.89 1.05
C ALA A 4 0.52 4.04 0.34
N ASN A 5 1.57 3.47 0.93
CA ASN A 5 2.90 3.54 0.34
C ASN A 5 3.55 2.17 0.31
N ILE A 6 4.32 1.91 -0.74
CA ILE A 6 5.01 0.63 -0.89
C ILE A 6 6.52 0.80 -0.81
N LEU A 7 7.17 -0.07 -0.04
CA LEU A 7 8.62 -0.01 0.12
C LEU A 7 9.27 -1.29 -0.39
N ASN A 8 10.54 -1.19 -0.78
CA ASN A 8 11.28 -2.34 -1.29
C ASN A 8 11.91 -3.13 -0.15
N ILE A 9 12.73 -4.12 -0.50
CA ILE A 9 13.39 -4.95 0.50
C ILE A 9 14.25 -4.10 1.43
N ASN A 10 14.59 -2.90 0.98
CA ASN A 10 15.42 -1.99 1.78
C ASN A 10 14.55 -0.97 2.51
N GLU A 11 13.25 -1.25 2.57
CA GLU A 11 12.31 -0.35 3.23
C GLU A 11 12.34 1.03 2.60
N ALA A 12 12.61 1.08 1.30
CA ALA A 12 12.66 2.33 0.57
C ALA A 12 11.39 2.57 -0.22
N VAL A 13 10.74 3.70 0.02
CA VAL A 13 9.50 4.04 -0.68
C VAL A 13 9.67 3.97 -2.19
N ILE A 14 9.00 3.02 -2.82
CA ILE A 14 9.08 2.85 -4.27
C ILE A 14 7.75 3.19 -4.94
N ALA A 15 6.67 3.07 -4.19
CA ALA A 15 5.34 3.36 -4.71
C ALA A 15 4.54 4.23 -3.73
N THR A 16 3.58 4.96 -4.26
CA THR A 16 2.74 5.84 -3.44
C THR A 16 1.32 5.93 -3.99
N GLY A 17 0.35 6.02 -3.10
CA GLY A 17 -1.04 6.12 -3.52
C GLY A 17 -1.97 6.50 -2.38
N CYS A 18 -3.21 6.81 -2.72
CA CYS A 18 -4.20 7.20 -1.72
C CYS A 18 -5.25 6.12 -1.54
N VAL A 19 -5.67 5.90 -0.29
CA VAL A 19 -6.67 4.89 0.02
C VAL A 19 -7.82 5.49 0.82
N PRO A 20 -9.05 5.18 0.41
CA PRO A 20 -10.27 5.67 1.08
C PRO A 20 -10.46 5.04 2.45
N ALA A 21 -11.55 5.43 3.12
CA ALA A 21 -11.85 4.89 4.44
C ALA A 21 -12.60 3.57 4.35
N GLY A 22 -12.00 2.51 4.89
CA GLY A 22 -12.62 1.20 4.85
C GLY A 22 -12.65 0.61 3.45
N GLY A 23 -11.81 1.15 2.57
CA GLY A 23 -11.75 0.66 1.20
C GLY A 23 -10.42 0.02 0.86
N GLU A 24 -9.98 0.20 -0.37
CA GLU A 24 -8.71 -0.37 -0.82
C GLU A 24 -8.34 0.16 -2.20
N LEU A 25 -7.04 0.41 -2.39
CA LEU A 25 -6.55 0.93 -3.67
C LEU A 25 -5.26 0.21 -4.07
N ARG A 26 -5.06 0.08 -5.38
CA ARG A 26 -3.87 -0.58 -5.90
C ARG A 26 -2.80 0.44 -6.29
N ILE A 27 -1.58 0.22 -5.81
CA ILE A 27 -0.48 1.13 -6.11
C ILE A 27 0.53 0.47 -7.04
N PHE A 28 1.03 1.24 -8.02
CA PHE A 28 2.00 0.73 -8.97
C PHE A 28 3.40 0.68 -8.35
N VAL A 29 3.91 -0.53 -8.18
CA VAL A 29 5.24 -0.72 -7.60
C VAL A 29 6.24 -1.12 -8.66
N GLY A 30 6.51 -0.22 -9.61
CA GLY A 30 7.46 -0.49 -10.67
C GLY A 30 7.02 0.08 -12.00
N SER A 31 6.76 -0.80 -12.96
CA SER A 31 6.34 -0.37 -14.29
C SER A 31 5.60 -1.49 -15.01
N SER A 32 5.05 -2.43 -14.24
CA SER A 32 4.32 -3.56 -14.80
C SER A 32 3.82 -4.48 -13.69
N HIS A 33 3.47 -3.89 -12.55
CA HIS A 33 2.97 -4.67 -11.42
C HIS A 33 2.59 -3.74 -10.27
N SER A 34 1.43 -3.99 -9.67
CA SER A 34 0.94 -3.19 -8.55
C SER A 34 0.52 -4.07 -7.38
N TYR A 35 0.12 -3.44 -6.30
CA TYR A 35 -0.32 -4.17 -5.10
C TYR A 35 -1.52 -3.48 -4.45
N LEU A 36 -2.56 -4.25 -4.18
CA LEU A 36 -3.76 -3.73 -3.56
C LEU A 36 -3.55 -3.51 -2.06
N ILE A 37 -3.92 -2.32 -1.59
CA ILE A 37 -3.77 -1.99 -0.18
C ILE A 37 -5.10 -1.54 0.42
N LYS A 38 -5.61 -2.31 1.38
CA LYS A 38 -6.86 -1.99 2.04
C LYS A 38 -6.63 -1.09 3.25
N ALA A 39 -7.63 -0.27 3.57
CA ALA A 39 -7.54 0.64 4.70
C ALA A 39 -8.59 0.30 5.76
N THR A 40 -8.12 -0.07 6.95
CA THR A 40 -9.01 -0.43 8.05
C THR A 40 -9.59 0.82 8.70
N SER A 41 -10.56 0.62 9.59
CA SER A 41 -11.20 1.73 10.28
C SER A 41 -10.16 2.59 11.01
N SER A 42 -9.03 1.98 11.34
CA SER A 42 -7.97 2.69 12.04
C SER A 42 -6.84 3.05 11.08
N CYS A 43 -7.18 3.16 9.81
CA CYS A 43 -6.19 3.50 8.78
C CYS A 43 -5.11 2.43 8.68
N GLY A 44 -5.46 1.20 9.06
CA GLY A 44 -4.51 0.11 9.00
C GLY A 44 -4.37 -0.46 7.61
N LEU A 45 -3.17 -0.34 7.05
CA LEU A 45 -2.90 -0.86 5.71
C LEU A 45 -2.68 -2.37 5.74
N SER A 46 -3.12 -3.05 4.69
CA SER A 46 -2.97 -4.49 4.59
C SER A 46 -3.55 -5.01 3.27
N LEU A 47 -2.98 -6.11 2.78
CA LEU A 47 -3.43 -6.71 1.52
C LEU A 47 -4.73 -7.49 1.73
N THR A 48 -5.46 -7.69 0.65
CA THR A 48 -6.72 -8.43 0.70
C THR A 48 -6.60 -9.79 0.04
N ASN A 49 -6.52 -10.84 0.85
CA ASN A 49 -6.40 -12.20 0.35
C ASN A 49 -5.25 -12.30 -0.65
N GLN A 50 -4.22 -11.48 -0.46
CA GLN A 50 -3.06 -11.48 -1.34
C GLN A 50 -1.78 -11.29 -0.53
N VAL A 51 -0.70 -11.91 -1.00
CA VAL A 51 0.59 -11.80 -0.33
C VAL A 51 1.53 -10.88 -1.10
N PHE A 52 2.72 -10.68 -0.55
CA PHE A 52 3.71 -9.81 -1.18
C PHE A 52 4.96 -10.59 -1.57
N ILE A 53 5.91 -9.91 -2.20
CA ILE A 53 7.14 -10.55 -2.63
C ILE A 53 8.27 -9.53 -2.76
N ASN A 54 9.45 -10.01 -3.14
CA ASN A 54 10.61 -9.13 -3.31
C ASN A 54 10.82 -8.25 -2.07
N GLY A 55 10.37 -8.76 -0.92
CA GLY A 55 10.52 -8.01 0.32
C GLY A 55 9.79 -6.68 0.28
N GLU A 56 8.62 -6.67 -0.34
CA GLU A 56 7.82 -5.46 -0.45
C GLU A 56 6.94 -5.27 0.79
N SER A 57 6.97 -4.06 1.35
CA SER A 57 6.18 -3.76 2.53
C SER A 57 5.29 -2.54 2.30
N VAL A 58 4.28 -2.38 3.15
CA VAL A 58 3.35 -1.26 3.04
C VAL A 58 3.50 -0.30 4.21
N GLN A 59 3.37 0.99 3.93
CA GLN A 59 3.49 2.01 4.96
C GLN A 59 2.35 3.03 4.86
N SER A 60 1.86 3.47 6.00
CA SER A 60 0.77 4.44 6.04
C SER A 60 1.29 5.85 5.80
N GLY A 61 1.14 6.33 4.57
CA GLY A 61 1.59 7.66 4.23
C GLY A 61 0.91 8.74 5.05
N GLY A 62 -0.21 8.39 5.67
CA GLY A 62 -0.94 9.34 6.48
C GLY A 62 -2.36 9.55 5.99
N ARG A 63 -2.76 10.81 5.89
CA ARG A 63 -4.10 11.14 5.43
C ARG A 63 -4.09 11.62 3.98
N CYS A 64 -5.19 11.44 3.28
CA CYS A 64 -5.31 11.84 1.89
C CYS A 64 -5.65 13.33 1.78
N ASN A 1 -9.84 10.17 4.49
CA ASN A 1 -9.15 9.09 3.79
C ASN A 1 -7.70 8.98 4.26
N CYS A 2 -7.06 7.87 3.93
CA CYS A 2 -5.68 7.63 4.31
C CYS A 2 -4.79 7.46 3.09
N VAL A 3 -3.47 7.45 3.30
CA VAL A 3 -2.52 7.29 2.22
C VAL A 3 -1.80 5.95 2.30
N ALA A 4 -1.52 5.36 1.15
CA ALA A 4 -0.83 4.08 1.09
C ALA A 4 0.48 4.19 0.34
N ASN A 5 1.52 3.56 0.88
CA ASN A 5 2.85 3.59 0.27
C ASN A 5 3.48 2.20 0.24
N ILE A 6 4.22 1.90 -0.81
CA ILE A 6 4.88 0.61 -0.94
C ILE A 6 6.40 0.76 -0.89
N LEU A 7 7.03 -0.09 -0.08
CA LEU A 7 8.49 -0.06 0.06
C LEU A 7 9.11 -1.34 -0.47
N ASN A 8 10.37 -1.26 -0.88
CA ASN A 8 11.10 -2.41 -1.41
C ASN A 8 11.85 -3.13 -0.30
N ILE A 9 12.75 -4.04 -0.69
CA ILE A 9 13.53 -4.80 0.28
C ILE A 9 14.30 -3.87 1.21
N ASN A 10 14.74 -2.74 0.68
CA ASN A 10 15.49 -1.77 1.47
C ASN A 10 14.55 -0.85 2.24
N GLU A 11 13.26 -1.21 2.26
CA GLU A 11 12.26 -0.42 2.95
C GLU A 11 12.19 1.00 2.39
N ALA A 12 12.52 1.13 1.10
CA ALA A 12 12.49 2.44 0.45
C ALA A 12 11.21 2.62 -0.35
N VAL A 13 10.57 3.78 -0.17
CA VAL A 13 9.33 4.08 -0.88
C VAL A 13 9.51 3.92 -2.39
N ILE A 14 8.91 2.88 -2.94
CA ILE A 14 8.99 2.63 -4.38
C ILE A 14 7.67 2.93 -5.07
N ALA A 15 6.60 2.98 -4.29
CA ALA A 15 5.27 3.27 -4.84
C ALA A 15 4.46 4.13 -3.87
N THR A 16 3.47 4.83 -4.41
CA THR A 16 2.61 5.69 -3.60
C THR A 16 1.18 5.68 -4.11
N GLY A 17 0.23 5.91 -3.20
CA GLY A 17 -1.18 5.92 -3.59
C GLY A 17 -2.07 6.40 -2.46
N CYS A 18 -3.34 6.63 -2.78
CA CYS A 18 -4.30 7.09 -1.80
C CYS A 18 -5.41 6.06 -1.58
N VAL A 19 -5.79 5.86 -0.33
CA VAL A 19 -6.83 4.89 0.00
C VAL A 19 -7.95 5.55 0.82
N PRO A 20 -9.21 5.29 0.42
CA PRO A 20 -10.38 5.84 1.11
C PRO A 20 -10.58 5.25 2.49
N ALA A 21 -11.70 5.58 3.12
CA ALA A 21 -12.02 5.08 4.45
C ALA A 21 -12.74 3.73 4.37
N GLY A 22 -12.13 2.70 4.94
CA GLY A 22 -12.73 1.38 4.92
C GLY A 22 -12.71 0.75 3.55
N GLY A 23 -11.94 1.35 2.64
CA GLY A 23 -11.84 0.83 1.29
C GLY A 23 -10.47 0.27 0.97
N GLU A 24 -10.09 0.31 -0.30
CA GLU A 24 -8.79 -0.20 -0.73
C GLU A 24 -8.45 0.29 -2.13
N LEU A 25 -7.17 0.53 -2.38
CA LEU A 25 -6.71 1.01 -3.68
C LEU A 25 -5.48 0.23 -4.14
N ARG A 26 -5.33 0.11 -5.46
CA ARG A 26 -4.19 -0.61 -6.02
C ARG A 26 -3.09 0.36 -6.44
N ILE A 27 -1.92 0.22 -5.81
CA ILE A 27 -0.78 1.09 -6.12
C ILE A 27 0.13 0.44 -7.16
N PHE A 28 0.72 1.27 -8.01
CA PHE A 28 1.62 0.79 -9.05
C PHE A 28 3.04 0.64 -8.51
N VAL A 29 3.48 -0.60 -8.35
CA VAL A 29 4.82 -0.88 -7.84
C VAL A 29 5.72 -1.43 -8.95
N GLY A 30 6.57 -0.56 -9.51
CA GLY A 30 7.47 -0.97 -10.56
C GLY A 30 6.80 -1.01 -11.92
N SER A 31 7.11 -2.03 -12.71
CA SER A 31 6.53 -2.17 -14.04
C SER A 31 5.66 -3.42 -14.12
N SER A 32 4.44 -3.25 -14.63
CA SER A 32 3.51 -4.37 -14.76
C SER A 32 3.28 -5.05 -13.42
N HIS A 33 3.36 -4.27 -12.34
CA HIS A 33 3.16 -4.79 -11.00
C HIS A 33 2.43 -3.78 -10.13
N SER A 34 1.46 -4.25 -9.35
CA SER A 34 0.69 -3.39 -8.46
C SER A 34 0.25 -4.14 -7.21
N TYR A 35 0.22 -3.43 -6.09
CA TYR A 35 -0.18 -4.03 -4.82
C TYR A 35 -1.41 -3.33 -4.25
N LEU A 36 -2.41 -4.12 -3.87
CA LEU A 36 -3.64 -3.58 -3.32
C LEU A 36 -3.49 -3.27 -1.84
N ILE A 37 -3.90 -2.08 -1.44
CA ILE A 37 -3.79 -1.66 -0.04
C ILE A 37 -5.17 -1.31 0.53
N LYS A 38 -5.59 -2.05 1.55
CA LYS A 38 -6.89 -1.82 2.18
C LYS A 38 -6.71 -1.05 3.49
N ALA A 39 -7.50 0.01 3.65
CA ALA A 39 -7.44 0.83 4.86
C ALA A 39 -8.61 0.52 5.79
N THR A 40 -8.29 0.15 7.02
CA THR A 40 -9.32 -0.16 8.01
C THR A 40 -9.83 1.09 8.70
N SER A 41 -10.70 0.91 9.69
CA SER A 41 -11.27 2.03 10.43
C SER A 41 -10.18 2.82 11.14
N SER A 42 -9.06 2.16 11.41
CA SER A 42 -7.94 2.80 12.10
C SER A 42 -6.84 3.17 11.11
N CYS A 43 -7.21 3.29 9.83
CA CYS A 43 -6.26 3.64 8.79
C CYS A 43 -5.19 2.56 8.62
N GLY A 44 -5.51 1.35 9.11
CA GLY A 44 -4.57 0.24 9.00
C GLY A 44 -4.47 -0.29 7.59
N LEU A 45 -3.25 -0.34 7.07
CA LEU A 45 -3.02 -0.85 5.72
C LEU A 45 -2.79 -2.35 5.72
N SER A 46 -3.12 -3.00 4.62
CA SER A 46 -2.96 -4.45 4.50
C SER A 46 -3.38 -4.92 3.11
N LEU A 47 -2.70 -5.96 2.62
CA LEU A 47 -3.00 -6.51 1.31
C LEU A 47 -4.38 -7.15 1.28
N THR A 48 -4.81 -7.56 0.10
CA THR A 48 -6.12 -8.18 -0.05
C THR A 48 -6.00 -9.57 -0.67
N ASN A 49 -6.06 -10.60 0.17
CA ASN A 49 -5.96 -11.98 -0.30
C ASN A 49 -4.72 -12.17 -1.16
N GLN A 50 -3.60 -11.61 -0.70
CA GLN A 50 -2.34 -11.72 -1.43
C GLN A 50 -1.15 -11.61 -0.48
N VAL A 51 0.03 -11.98 -0.97
CA VAL A 51 1.24 -11.92 -0.17
C VAL A 51 2.20 -10.87 -0.71
N PHE A 52 3.39 -10.81 -0.13
CA PHE A 52 4.41 -9.84 -0.55
C PHE A 52 5.45 -10.50 -1.45
N ILE A 53 6.36 -9.71 -1.97
CA ILE A 53 7.40 -10.22 -2.86
C ILE A 53 8.66 -9.35 -2.77
N ASN A 54 9.82 -10.00 -2.67
CA ASN A 54 11.09 -9.29 -2.58
C ASN A 54 11.15 -8.45 -1.31
N GLY A 55 10.25 -8.72 -0.37
CA GLY A 55 10.22 -7.97 0.87
C GLY A 55 9.33 -6.75 0.79
N GLU A 56 8.54 -6.66 -0.28
CA GLU A 56 7.64 -5.53 -0.47
C GLU A 56 6.77 -5.31 0.77
N SER A 57 6.81 -4.09 1.30
CA SER A 57 6.04 -3.75 2.49
C SER A 57 5.14 -2.55 2.24
N VAL A 58 4.15 -2.34 3.10
CA VAL A 58 3.24 -1.22 2.97
C VAL A 58 3.34 -0.28 4.16
N GLN A 59 3.27 1.02 3.89
CA GLN A 59 3.35 2.03 4.95
C GLN A 59 2.34 3.15 4.72
N SER A 60 1.82 3.70 5.81
CA SER A 60 0.84 4.77 5.73
C SER A 60 1.52 6.11 5.44
N GLY A 61 1.43 6.56 4.20
CA GLY A 61 2.04 7.82 3.83
C GLY A 61 1.48 9.00 4.59
N GLY A 62 0.32 8.79 5.22
CA GLY A 62 -0.31 9.85 5.99
C GLY A 62 -1.76 10.07 5.59
N ARG A 63 -2.19 11.32 5.67
CA ARG A 63 -3.57 11.68 5.32
C ARG A 63 -3.67 12.05 3.85
N CYS A 64 -4.84 11.82 3.27
CA CYS A 64 -5.07 12.14 1.85
C CYS A 64 -5.71 13.52 1.71
N ASN A 1 -9.46 10.33 4.93
CA ASN A 1 -8.99 9.16 4.21
C ASN A 1 -7.59 8.75 4.69
N CYS A 2 -7.04 7.71 4.08
CA CYS A 2 -5.72 7.22 4.43
C CYS A 2 -4.84 7.09 3.20
N VAL A 3 -3.53 7.21 3.40
CA VAL A 3 -2.58 7.11 2.30
C VAL A 3 -1.85 5.76 2.33
N ALA A 4 -1.59 5.21 1.15
CA ALA A 4 -0.89 3.94 1.04
C ALA A 4 0.43 4.09 0.29
N ASN A 5 1.49 3.55 0.87
CA ASN A 5 2.81 3.62 0.25
C ASN A 5 3.48 2.25 0.23
N ILE A 6 4.23 1.98 -0.84
CA ILE A 6 4.92 0.70 -0.99
C ILE A 6 6.44 0.90 -0.91
N LEU A 7 7.09 0.07 -0.11
CA LEU A 7 8.54 0.14 0.05
C LEU A 7 9.21 -1.13 -0.46
N ASN A 8 10.47 -1.01 -0.85
CA ASN A 8 11.23 -2.15 -1.36
C ASN A 8 11.88 -2.93 -0.22
N ILE A 9 12.70 -3.91 -0.58
CA ILE A 9 13.39 -4.73 0.42
C ILE A 9 14.25 -3.87 1.33
N ASN A 10 14.59 -2.67 0.87
CA ASN A 10 15.42 -1.75 1.65
C ASN A 10 14.54 -0.73 2.38
N GLU A 11 13.24 -1.01 2.46
CA GLU A 11 12.31 -0.13 3.13
C GLU A 11 12.32 1.26 2.50
N ALA A 12 12.52 1.30 1.18
CA ALA A 12 12.55 2.57 0.45
C ALA A 12 11.26 2.77 -0.35
N VAL A 13 10.60 3.89 -0.11
CA VAL A 13 9.36 4.21 -0.81
C VAL A 13 9.54 4.13 -2.32
N ILE A 14 8.88 3.15 -2.93
CA ILE A 14 8.96 2.95 -4.38
C ILE A 14 7.64 3.28 -5.06
N ALA A 15 6.56 3.16 -4.30
CA ALA A 15 5.23 3.45 -4.83
C ALA A 15 4.41 4.29 -3.85
N THR A 16 3.43 5.01 -4.38
CA THR A 16 2.58 5.86 -3.55
C THR A 16 1.15 5.87 -4.07
N GLY A 17 0.19 6.02 -3.15
CA GLY A 17 -1.20 6.06 -3.55
C GLY A 17 -2.11 6.48 -2.42
N CYS A 18 -3.36 6.80 -2.74
CA CYS A 18 -4.34 7.24 -1.75
C CYS A 18 -5.45 6.21 -1.60
N VAL A 19 -5.66 5.74 -0.37
CA VAL A 19 -6.70 4.76 -0.09
C VAL A 19 -7.90 5.39 0.60
N PRO A 20 -9.10 5.10 0.08
CA PRO A 20 -10.35 5.64 0.64
C PRO A 20 -10.68 5.05 2.01
N ALA A 21 -11.57 5.72 2.73
CA ALA A 21 -11.97 5.27 4.06
C ALA A 21 -12.65 3.90 3.99
N GLY A 22 -12.16 2.95 4.77
CA GLY A 22 -12.73 1.62 4.78
C GLY A 22 -12.74 0.98 3.41
N GLY A 23 -11.83 1.43 2.55
CA GLY A 23 -11.76 0.89 1.20
C GLY A 23 -10.38 0.35 0.87
N GLU A 24 -10.09 0.21 -0.42
CA GLU A 24 -8.79 -0.30 -0.87
C GLU A 24 -8.35 0.40 -2.15
N LEU A 25 -7.04 0.49 -2.34
CA LEU A 25 -6.49 1.13 -3.54
C LEU A 25 -5.34 0.31 -4.11
N ARG A 26 -5.28 0.22 -5.43
CA ARG A 26 -4.22 -0.53 -6.10
C ARG A 26 -3.08 0.38 -6.52
N ILE A 27 -1.94 0.24 -5.84
CA ILE A 27 -0.77 1.05 -6.15
C ILE A 27 0.18 0.33 -7.11
N PHE A 28 0.80 1.08 -7.99
CA PHE A 28 1.73 0.51 -8.97
C PHE A 28 3.16 0.61 -8.45
N VAL A 29 3.82 -0.55 -8.34
CA VAL A 29 5.20 -0.60 -7.87
C VAL A 29 6.15 -0.95 -9.00
N GLY A 30 7.04 -0.02 -9.33
CA GLY A 30 7.99 -0.24 -10.41
C GLY A 30 7.34 -0.72 -11.68
N SER A 31 7.92 -1.74 -12.30
CA SER A 31 7.39 -2.29 -13.54
C SER A 31 5.97 -2.82 -13.34
N SER A 32 5.48 -3.57 -14.31
CA SER A 32 4.13 -4.14 -14.24
C SER A 32 3.97 -4.99 -12.99
N HIS A 33 3.41 -4.37 -11.94
CA HIS A 33 3.19 -5.08 -10.68
C HIS A 33 2.58 -4.15 -9.64
N SER A 34 1.26 -4.22 -9.49
CA SER A 34 0.55 -3.38 -8.53
C SER A 34 0.10 -4.19 -7.33
N TYR A 35 -0.14 -3.50 -6.22
CA TYR A 35 -0.58 -4.16 -4.98
C TYR A 35 -1.73 -3.41 -4.35
N LEU A 36 -2.81 -4.12 -4.05
CA LEU A 36 -3.98 -3.53 -3.43
C LEU A 36 -3.78 -3.34 -1.93
N ILE A 37 -4.08 -2.15 -1.43
CA ILE A 37 -3.92 -1.85 -0.02
C ILE A 37 -5.26 -1.40 0.59
N LYS A 38 -5.75 -2.16 1.55
CA LYS A 38 -7.01 -1.84 2.21
C LYS A 38 -6.76 -0.99 3.46
N ALA A 39 -7.73 -0.15 3.80
CA ALA A 39 -7.62 0.71 4.96
C ALA A 39 -8.73 0.41 5.97
N THR A 40 -8.33 0.00 7.18
CA THR A 40 -9.29 -0.32 8.23
C THR A 40 -9.74 0.95 8.96
N SER A 41 -10.60 0.77 9.96
CA SER A 41 -11.11 1.88 10.74
C SER A 41 -9.97 2.70 11.34
N SER A 42 -8.87 2.02 11.67
CA SER A 42 -7.72 2.68 12.25
C SER A 42 -6.69 3.03 11.18
N CYS A 43 -7.15 3.13 9.93
CA CYS A 43 -6.29 3.46 8.81
C CYS A 43 -5.23 2.38 8.61
N GLY A 44 -5.46 1.21 9.18
CA GLY A 44 -4.51 0.11 9.05
C GLY A 44 -4.41 -0.39 7.63
N LEU A 45 -3.19 -0.46 7.12
CA LEU A 45 -2.94 -0.92 5.76
C LEU A 45 -2.74 -2.44 5.73
N SER A 46 -3.22 -3.08 4.67
CA SER A 46 -3.08 -4.52 4.52
C SER A 46 -3.66 -4.99 3.19
N LEU A 47 -3.07 -6.05 2.65
CA LEU A 47 -3.52 -6.60 1.37
C LEU A 47 -4.83 -7.35 1.54
N THR A 48 -5.44 -7.73 0.42
CA THR A 48 -6.70 -8.47 0.44
C THR A 48 -6.49 -9.92 0.02
N ASN A 49 -6.23 -10.78 1.00
CA ASN A 49 -6.02 -12.19 0.73
C ASN A 49 -4.87 -12.40 -0.26
N GLN A 50 -4.02 -11.38 -0.37
CA GLN A 50 -2.87 -11.45 -1.28
C GLN A 50 -1.56 -11.29 -0.52
N VAL A 51 -0.52 -11.97 -1.00
CA VAL A 51 0.78 -11.91 -0.36
C VAL A 51 1.74 -11.01 -1.15
N PHE A 52 2.77 -10.52 -0.47
CA PHE A 52 3.75 -9.64 -1.10
C PHE A 52 4.98 -10.43 -1.55
N ILE A 53 5.91 -9.75 -2.21
CA ILE A 53 7.12 -10.39 -2.68
C ILE A 53 8.26 -9.37 -2.84
N ASN A 54 9.43 -9.86 -3.23
CA ASN A 54 10.59 -9.00 -3.42
C ASN A 54 10.82 -8.12 -2.18
N GLY A 55 10.42 -8.63 -1.02
CA GLY A 55 10.59 -7.88 0.21
C GLY A 55 9.88 -6.54 0.18
N GLU A 56 8.70 -6.52 -0.43
CA GLU A 56 7.91 -5.30 -0.53
C GLU A 56 6.99 -5.14 0.69
N SER A 57 6.99 -3.95 1.27
CA SER A 57 6.17 -3.67 2.44
C SER A 57 5.26 -2.47 2.18
N VAL A 58 4.25 -2.31 3.04
CA VAL A 58 3.31 -1.21 2.91
C VAL A 58 3.38 -0.28 4.12
N GLN A 59 3.31 1.01 3.87
CA GLN A 59 3.37 2.01 4.93
C GLN A 59 2.33 3.11 4.71
N SER A 60 1.73 3.59 5.80
CA SER A 60 0.72 4.63 5.73
C SER A 60 1.38 6.00 5.53
N GLY A 61 1.33 6.51 4.31
CA GLY A 61 1.91 7.80 4.01
C GLY A 61 1.30 8.91 4.84
N GLY A 62 0.13 8.66 5.41
CA GLY A 62 -0.53 9.66 6.22
C GLY A 62 -1.93 9.97 5.72
N ARG A 63 -2.34 11.22 5.85
CA ARG A 63 -3.67 11.64 5.41
C ARG A 63 -3.68 11.98 3.93
N CYS A 64 -4.85 11.86 3.30
CA CYS A 64 -4.98 12.15 1.88
C CYS A 64 -5.41 13.60 1.66
N ASN A 1 -9.20 10.41 4.74
CA ASN A 1 -8.84 9.18 4.06
C ASN A 1 -7.55 8.60 4.64
N CYS A 2 -7.00 7.60 3.96
CA CYS A 2 -5.76 6.96 4.40
C CYS A 2 -4.83 6.74 3.22
N VAL A 3 -3.62 7.29 3.32
CA VAL A 3 -2.62 7.15 2.27
C VAL A 3 -1.90 5.81 2.35
N ALA A 4 -1.58 5.25 1.20
CA ALA A 4 -0.89 3.97 1.15
C ALA A 4 0.39 4.06 0.32
N ASN A 5 1.49 3.54 0.86
CA ASN A 5 2.77 3.57 0.18
C ASN A 5 3.46 2.21 0.25
N ILE A 6 4.29 1.93 -0.75
CA ILE A 6 5.01 0.66 -0.80
C ILE A 6 6.51 0.88 -0.68
N LEU A 7 7.17 0.03 0.11
CA LEU A 7 8.61 0.13 0.30
C LEU A 7 9.32 -1.12 -0.22
N ASN A 8 10.58 -0.96 -0.59
CA ASN A 8 11.37 -2.07 -1.10
C ASN A 8 12.13 -2.77 0.03
N ILE A 9 13.07 -3.64 -0.35
CA ILE A 9 13.85 -4.37 0.63
C ILE A 9 14.57 -3.42 1.59
N ASN A 10 14.89 -2.23 1.10
CA ASN A 10 15.57 -1.23 1.92
C ASN A 10 14.56 -0.30 2.59
N GLU A 11 13.32 -0.76 2.69
CA GLU A 11 12.26 0.03 3.32
C GLU A 11 12.18 1.42 2.68
N ALA A 12 12.55 1.50 1.41
CA ALA A 12 12.52 2.76 0.69
C ALA A 12 11.24 2.90 -0.12
N VAL A 13 10.53 4.02 0.06
CA VAL A 13 9.29 4.26 -0.66
C VAL A 13 9.49 4.13 -2.17
N ILE A 14 8.97 3.06 -2.73
CA ILE A 14 9.09 2.81 -4.16
C ILE A 14 7.77 3.06 -4.88
N ALA A 15 6.67 3.03 -4.12
CA ALA A 15 5.34 3.26 -4.68
C ALA A 15 4.51 4.14 -3.75
N THR A 16 3.52 4.83 -4.34
CA THR A 16 2.65 5.71 -3.57
C THR A 16 1.23 5.67 -4.09
N GLY A 17 0.26 5.84 -3.20
CA GLY A 17 -1.13 5.82 -3.58
C GLY A 17 -2.06 6.33 -2.49
N CYS A 18 -3.35 6.40 -2.80
CA CYS A 18 -4.33 6.87 -1.83
C CYS A 18 -5.45 5.84 -1.64
N VAL A 19 -5.85 5.65 -0.39
CA VAL A 19 -6.91 4.70 -0.08
C VAL A 19 -8.00 5.34 0.78
N PRO A 20 -9.26 5.19 0.36
CA PRO A 20 -10.42 5.75 1.06
C PRO A 20 -10.67 5.05 2.40
N ALA A 21 -11.50 5.66 3.23
CA ALA A 21 -11.83 5.10 4.53
C ALA A 21 -12.70 3.85 4.39
N GLY A 22 -12.18 2.72 4.87
CA GLY A 22 -12.91 1.47 4.79
C GLY A 22 -12.89 0.88 3.39
N GLY A 23 -11.97 1.37 2.55
CA GLY A 23 -11.86 0.87 1.20
C GLY A 23 -10.48 0.32 0.90
N GLU A 24 -10.12 0.29 -0.39
CA GLU A 24 -8.82 -0.21 -0.80
C GLU A 24 -8.48 0.27 -2.21
N LEU A 25 -7.20 0.52 -2.44
CA LEU A 25 -6.74 0.99 -3.75
C LEU A 25 -5.51 0.21 -4.20
N ARG A 26 -5.35 0.10 -5.52
CA ARG A 26 -4.21 -0.63 -6.09
C ARG A 26 -3.07 0.32 -6.43
N ILE A 27 -1.93 0.11 -5.79
CA ILE A 27 -0.75 0.95 -6.02
C ILE A 27 0.16 0.34 -7.06
N PHE A 28 0.78 1.19 -7.88
CA PHE A 28 1.68 0.73 -8.92
C PHE A 28 3.11 0.65 -8.40
N VAL A 29 3.66 -0.56 -8.38
CA VAL A 29 5.02 -0.78 -7.91
C VAL A 29 5.87 -1.45 -8.97
N GLY A 30 6.15 -0.72 -10.05
CA GLY A 30 6.95 -1.27 -11.14
C GLY A 30 6.34 -1.02 -12.50
N SER A 31 7.04 -1.43 -13.55
CA SER A 31 6.56 -1.24 -14.91
C SER A 31 5.30 -2.06 -15.16
N SER A 32 5.19 -3.20 -14.48
CA SER A 32 4.03 -4.07 -14.63
C SER A 32 3.70 -4.76 -13.31
N HIS A 33 3.91 -4.05 -12.21
CA HIS A 33 3.64 -4.59 -10.89
C HIS A 33 2.74 -3.64 -10.08
N SER A 34 1.97 -4.22 -9.16
CA SER A 34 1.07 -3.43 -8.33
C SER A 34 0.53 -4.25 -7.17
N TYR A 35 0.18 -3.58 -6.08
CA TYR A 35 -0.34 -4.25 -4.90
C TYR A 35 -1.54 -3.50 -4.34
N LEU A 36 -2.59 -4.25 -3.98
CA LEU A 36 -3.80 -3.66 -3.43
C LEU A 36 -3.65 -3.39 -1.94
N ILE A 37 -4.00 -2.19 -1.52
CA ILE A 37 -3.90 -1.81 -0.12
C ILE A 37 -5.26 -1.40 0.44
N LYS A 38 -5.72 -2.13 1.46
CA LYS A 38 -7.00 -1.84 2.08
C LYS A 38 -6.81 -1.16 3.43
N ALA A 39 -7.52 -0.05 3.64
CA ALA A 39 -7.43 0.69 4.88
C ALA A 39 -8.65 0.43 5.77
N THR A 40 -8.41 -0.16 6.93
CA THR A 40 -9.50 -0.46 7.87
C THR A 40 -9.95 0.79 8.61
N SER A 41 -10.84 0.60 9.59
CA SER A 41 -11.35 1.72 10.37
C SER A 41 -10.22 2.51 11.00
N SER A 42 -9.15 1.80 11.39
CA SER A 42 -8.00 2.44 12.01
C SER A 42 -6.97 2.84 10.96
N CYS A 43 -7.41 2.94 9.72
CA CYS A 43 -6.52 3.31 8.62
C CYS A 43 -5.41 2.27 8.44
N GLY A 44 -5.60 1.11 9.05
CA GLY A 44 -4.61 0.06 8.94
C GLY A 44 -4.50 -0.50 7.55
N LEU A 45 -3.28 -0.49 7.00
CA LEU A 45 -3.05 -1.01 5.65
C LEU A 45 -2.82 -2.51 5.67
N SER A 46 -3.20 -3.18 4.59
CA SER A 46 -3.05 -4.63 4.48
C SER A 46 -3.56 -5.13 3.13
N LEU A 47 -2.90 -6.16 2.61
CA LEU A 47 -3.29 -6.74 1.32
C LEU A 47 -4.69 -7.34 1.40
N THR A 48 -5.19 -7.80 0.26
CA THR A 48 -6.51 -8.41 0.18
C THR A 48 -6.42 -9.91 -0.02
N ASN A 49 -6.25 -10.64 1.08
CA ASN A 49 -6.15 -12.10 1.02
C ASN A 49 -5.04 -12.52 0.06
N GLN A 50 -4.09 -11.63 -0.17
CA GLN A 50 -2.98 -11.91 -1.07
C GLN A 50 -1.65 -11.93 -0.31
N VAL A 51 -0.56 -12.17 -1.03
CA VAL A 51 0.77 -12.21 -0.42
C VAL A 51 1.67 -11.12 -0.99
N PHE A 52 2.83 -10.96 -0.39
CA PHE A 52 3.79 -9.95 -0.84
C PHE A 52 4.95 -10.60 -1.60
N ILE A 53 5.84 -9.76 -2.13
CA ILE A 53 6.99 -10.25 -2.88
C ILE A 53 8.14 -9.26 -2.82
N ASN A 54 9.34 -9.74 -3.13
CA ASN A 54 10.54 -8.91 -3.11
C ASN A 54 10.65 -8.17 -1.78
N GLY A 55 10.12 -8.77 -0.73
CA GLY A 55 10.18 -8.16 0.59
C GLY A 55 9.52 -6.80 0.62
N GLU A 56 8.60 -6.56 -0.29
CA GLU A 56 7.90 -5.28 -0.37
C GLU A 56 6.96 -5.10 0.82
N SER A 57 7.01 -3.93 1.44
CA SER A 57 6.18 -3.64 2.60
C SER A 57 5.25 -2.45 2.30
N VAL A 58 4.26 -2.26 3.18
CA VAL A 58 3.32 -1.16 3.01
C VAL A 58 3.38 -0.20 4.20
N GLN A 59 3.27 1.09 3.91
CA GLN A 59 3.32 2.11 4.96
C GLN A 59 2.21 3.14 4.76
N SER A 60 1.57 3.53 5.85
CA SER A 60 0.48 4.51 5.80
C SER A 60 1.05 5.92 5.67
N GLY A 61 0.95 6.47 4.46
CA GLY A 61 1.45 7.81 4.23
C GLY A 61 0.77 8.85 5.09
N GLY A 62 -0.40 8.49 5.64
CA GLY A 62 -1.12 9.41 6.48
C GLY A 62 -2.52 9.69 5.97
N ARG A 63 -2.79 10.95 5.62
CA ARG A 63 -4.10 11.34 5.12
C ARG A 63 -3.98 11.99 3.74
N CYS A 64 -5.02 11.87 2.94
CA CYS A 64 -5.03 12.45 1.60
C CYS A 64 -5.51 13.91 1.64
N ASN A 1 -8.56 11.05 3.77
CA ASN A 1 -8.47 9.60 3.68
C ASN A 1 -7.13 9.09 4.22
N CYS A 2 -6.84 7.82 3.97
CA CYS A 2 -5.59 7.22 4.43
C CYS A 2 -4.63 7.01 3.26
N VAL A 3 -3.39 7.45 3.45
CA VAL A 3 -2.38 7.32 2.41
C VAL A 3 -1.71 5.94 2.47
N ALA A 4 -1.35 5.43 1.31
CA ALA A 4 -0.70 4.12 1.22
C ALA A 4 0.55 4.19 0.36
N ASN A 5 1.69 3.83 0.95
CA ASN A 5 2.96 3.86 0.24
C ASN A 5 3.63 2.48 0.28
N ILE A 6 4.23 2.09 -0.83
CA ILE A 6 4.91 0.79 -0.92
C ILE A 6 6.42 0.96 -0.87
N LEU A 7 7.08 0.05 -0.16
CA LEU A 7 8.54 0.10 -0.02
C LEU A 7 9.16 -1.22 -0.50
N ASN A 8 10.43 -1.15 -0.88
CA ASN A 8 11.16 -2.32 -1.36
C ASN A 8 11.74 -3.10 -0.18
N ILE A 9 12.56 -4.11 -0.50
CA ILE A 9 13.18 -4.93 0.53
C ILE A 9 14.03 -4.08 1.47
N ASN A 10 14.42 -2.90 1.00
CA ASN A 10 15.24 -1.99 1.80
C ASN A 10 14.36 -0.94 2.49
N GLU A 11 13.06 -1.20 2.54
CA GLU A 11 12.12 -0.28 3.16
C GLU A 11 12.17 1.09 2.49
N ALA A 12 12.48 1.10 1.20
CA ALA A 12 12.55 2.34 0.44
C ALA A 12 11.28 2.57 -0.37
N VAL A 13 10.60 3.67 -0.10
CA VAL A 13 9.36 4.00 -0.81
C VAL A 13 9.56 3.92 -2.32
N ILE A 14 8.96 2.89 -2.93
CA ILE A 14 9.07 2.71 -4.37
C ILE A 14 7.76 3.02 -5.07
N ALA A 15 6.67 3.04 -4.29
CA ALA A 15 5.35 3.33 -4.84
C ALA A 15 4.55 4.20 -3.88
N THR A 16 3.53 4.88 -4.41
CA THR A 16 2.68 5.75 -3.59
C THR A 16 1.24 5.73 -4.10
N GLY A 17 0.30 5.87 -3.17
CA GLY A 17 -1.11 5.87 -3.54
C GLY A 17 -2.00 6.39 -2.43
N CYS A 18 -3.30 6.39 -2.67
CA CYS A 18 -4.27 6.88 -1.68
C CYS A 18 -5.40 5.87 -1.51
N VAL A 19 -5.86 5.71 -0.27
CA VAL A 19 -6.94 4.79 0.03
C VAL A 19 -8.03 5.47 0.86
N PRO A 20 -9.28 5.34 0.42
CA PRO A 20 -10.44 5.93 1.11
C PRO A 20 -10.74 5.25 2.44
N ALA A 21 -11.43 5.95 3.32
CA ALA A 21 -11.78 5.41 4.64
C ALA A 21 -12.64 4.16 4.49
N GLY A 22 -12.14 3.03 5.00
CA GLY A 22 -12.87 1.79 4.92
C GLY A 22 -12.90 1.21 3.52
N GLY A 23 -11.90 1.58 2.71
CA GLY A 23 -11.83 1.08 1.35
C GLY A 23 -10.49 0.48 1.02
N GLU A 24 -10.11 0.52 -0.26
CA GLU A 24 -8.84 -0.03 -0.71
C GLU A 24 -8.50 0.46 -2.11
N LEU A 25 -7.21 0.63 -2.37
CA LEU A 25 -6.75 1.10 -3.68
C LEU A 25 -5.55 0.29 -4.15
N ARG A 26 -5.40 0.17 -5.46
CA ARG A 26 -4.28 -0.57 -6.05
C ARG A 26 -3.13 0.36 -6.41
N ILE A 27 -2.00 0.17 -5.74
CA ILE A 27 -0.83 1.00 -5.99
C ILE A 27 0.06 0.39 -7.08
N PHE A 28 0.67 1.25 -7.89
CA PHE A 28 1.53 0.80 -8.97
C PHE A 28 3.00 0.78 -8.53
N VAL A 29 3.57 -0.41 -8.46
CA VAL A 29 4.97 -0.57 -8.05
C VAL A 29 5.74 -1.43 -9.04
N GLY A 30 6.71 -0.82 -9.72
CA GLY A 30 7.50 -1.54 -10.68
C GLY A 30 7.21 -1.14 -12.11
N SER A 31 7.63 -1.95 -13.06
CA SER A 31 7.41 -1.67 -14.48
C SER A 31 6.02 -2.14 -14.92
N SER A 32 5.51 -3.15 -14.23
CA SER A 32 4.20 -3.71 -14.56
C SER A 32 3.63 -4.49 -13.38
N HIS A 33 3.89 -4.01 -12.17
CA HIS A 33 3.42 -4.66 -10.96
C HIS A 33 2.60 -3.69 -10.10
N SER A 34 1.74 -4.25 -9.25
CA SER A 34 0.91 -3.44 -8.38
C SER A 34 0.43 -4.24 -7.17
N TYR A 35 0.05 -3.53 -6.11
CA TYR A 35 -0.42 -4.19 -4.90
C TYR A 35 -1.62 -3.45 -4.31
N LEU A 36 -2.66 -4.20 -3.96
CA LEU A 36 -3.86 -3.61 -3.39
C LEU A 36 -3.69 -3.34 -1.90
N ILE A 37 -4.05 -2.14 -1.47
CA ILE A 37 -3.93 -1.75 -0.07
C ILE A 37 -5.28 -1.35 0.51
N LYS A 38 -5.72 -2.08 1.52
CA LYS A 38 -7.00 -1.79 2.17
C LYS A 38 -6.80 -1.07 3.51
N ALA A 39 -7.53 0.01 3.70
CA ALA A 39 -7.43 0.79 4.93
C ALA A 39 -8.60 0.51 5.86
N THR A 40 -8.30 0.11 7.09
CA THR A 40 -9.33 -0.20 8.07
C THR A 40 -9.80 1.07 8.80
N SER A 41 -10.67 0.89 9.78
CA SER A 41 -11.20 2.02 10.54
C SER A 41 -10.07 2.83 11.15
N SER A 42 -8.97 2.16 11.48
CA SER A 42 -7.82 2.82 12.08
C SER A 42 -6.76 3.14 11.02
N CYS A 43 -7.20 3.22 9.76
CA CYS A 43 -6.29 3.53 8.66
C CYS A 43 -5.24 2.43 8.51
N GLY A 44 -5.54 1.26 9.06
CA GLY A 44 -4.61 0.14 8.97
C GLY A 44 -4.51 -0.43 7.57
N LEU A 45 -3.30 -0.44 7.03
CA LEU A 45 -3.08 -0.96 5.69
C LEU A 45 -2.90 -2.48 5.71
N SER A 46 -3.25 -3.14 4.61
CA SER A 46 -3.14 -4.58 4.51
C SER A 46 -3.63 -5.08 3.15
N LEU A 47 -2.92 -6.05 2.59
CA LEU A 47 -3.27 -6.61 1.30
C LEU A 47 -4.61 -7.33 1.37
N THR A 48 -5.07 -7.85 0.22
CA THR A 48 -6.33 -8.56 0.16
C THR A 48 -6.12 -10.04 -0.10
N ASN A 49 -5.89 -10.80 0.98
CA ASN A 49 -5.67 -12.23 0.87
C ASN A 49 -4.50 -12.53 -0.05
N GLN A 50 -3.63 -11.54 -0.25
CA GLN A 50 -2.47 -11.70 -1.11
C GLN A 50 -1.17 -11.57 -0.31
N VAL A 51 -0.09 -12.12 -0.86
CA VAL A 51 1.21 -12.07 -0.19
C VAL A 51 2.14 -11.08 -0.89
N PHE A 52 3.20 -10.69 -0.18
CA PHE A 52 4.17 -9.75 -0.74
C PHE A 52 5.32 -10.48 -1.41
N ILE A 53 6.22 -9.73 -2.02
CA ILE A 53 7.37 -10.30 -2.71
C ILE A 53 8.52 -9.31 -2.79
N ASN A 54 9.72 -9.81 -3.01
CA ASN A 54 10.91 -8.97 -3.12
C ASN A 54 11.01 -8.04 -1.92
N GLY A 55 10.46 -8.46 -0.79
CA GLY A 55 10.50 -7.66 0.42
C GLY A 55 9.65 -6.40 0.30
N GLU A 56 8.54 -6.51 -0.41
CA GLU A 56 7.63 -5.38 -0.59
C GLU A 56 6.74 -5.18 0.63
N SER A 57 6.81 -4.00 1.22
CA SER A 57 6.01 -3.69 2.41
C SER A 57 5.10 -2.50 2.15
N VAL A 58 4.17 -2.27 3.06
CA VAL A 58 3.22 -1.17 2.93
C VAL A 58 3.29 -0.24 4.14
N GLN A 59 3.14 1.05 3.90
CA GLN A 59 3.18 2.05 4.97
C GLN A 59 2.09 3.09 4.80
N SER A 60 1.65 3.67 5.91
CA SER A 60 0.60 4.69 5.88
C SER A 60 1.20 6.09 5.81
N GLY A 61 1.15 6.69 4.63
CA GLY A 61 1.69 8.02 4.45
C GLY A 61 1.02 9.04 5.33
N GLY A 62 -0.17 8.71 5.84
CA GLY A 62 -0.89 9.61 6.71
C GLY A 62 -2.20 10.07 6.10
N ARG A 63 -2.41 11.39 6.07
CA ARG A 63 -3.62 11.96 5.51
C ARG A 63 -3.46 12.23 4.02
N CYS A 64 -4.57 12.20 3.29
CA CYS A 64 -4.56 12.45 1.86
C CYS A 64 -5.10 13.84 1.53
N ASN A 1 -9.39 10.19 4.93
CA ASN A 1 -8.95 9.05 4.15
C ASN A 1 -7.58 8.57 4.62
N CYS A 2 -7.05 7.54 3.97
CA CYS A 2 -5.75 6.99 4.32
C CYS A 2 -4.84 6.92 3.11
N VAL A 3 -3.53 7.00 3.33
CA VAL A 3 -2.56 6.94 2.26
C VAL A 3 -1.82 5.61 2.26
N ALA A 4 -1.63 5.03 1.08
CA ALA A 4 -0.92 3.76 0.95
C ALA A 4 0.45 3.95 0.30
N ASN A 5 1.49 3.52 0.99
CA ASN A 5 2.85 3.64 0.48
C ASN A 5 3.54 2.28 0.42
N ILE A 6 4.18 2.00 -0.71
CA ILE A 6 4.88 0.74 -0.89
C ILE A 6 6.39 0.92 -0.82
N LEU A 7 7.05 0.04 -0.06
CA LEU A 7 8.50 0.11 0.09
C LEU A 7 9.16 -1.14 -0.45
N ASN A 8 10.43 -1.01 -0.86
CA ASN A 8 11.18 -2.14 -1.40
C ASN A 8 11.86 -2.93 -0.28
N ILE A 9 12.70 -3.88 -0.67
CA ILE A 9 13.42 -4.70 0.29
C ILE A 9 14.29 -3.84 1.21
N ASN A 10 14.59 -2.63 0.76
CA ASN A 10 15.40 -1.71 1.55
C ASN A 10 14.53 -0.72 2.32
N GLU A 11 13.24 -1.03 2.40
CA GLU A 11 12.30 -0.18 3.12
C GLU A 11 12.28 1.22 2.51
N ALA A 12 12.46 1.30 1.20
CA ALA A 12 12.47 2.58 0.50
C ALA A 12 11.18 2.77 -0.31
N VAL A 13 10.49 3.87 -0.04
CA VAL A 13 9.24 4.17 -0.74
C VAL A 13 9.42 4.09 -2.25
N ILE A 14 8.85 3.05 -2.86
CA ILE A 14 8.95 2.86 -4.29
C ILE A 14 7.63 3.16 -4.98
N ALA A 15 6.54 3.10 -4.22
CA ALA A 15 5.21 3.37 -4.75
C ALA A 15 4.35 4.10 -3.72
N THR A 16 3.33 4.80 -4.22
CA THR A 16 2.42 5.54 -3.34
C THR A 16 1.04 5.67 -3.95
N GLY A 17 0.04 5.84 -3.10
CA GLY A 17 -1.33 5.96 -3.57
C GLY A 17 -2.28 6.46 -2.50
N CYS A 18 -3.54 6.65 -2.87
CA CYS A 18 -4.54 7.14 -1.93
C CYS A 18 -5.64 6.10 -1.74
N VAL A 19 -5.94 5.78 -0.48
CA VAL A 19 -6.98 4.80 -0.17
C VAL A 19 -8.11 5.43 0.63
N PRO A 20 -9.35 5.17 0.21
CA PRO A 20 -10.55 5.70 0.86
C PRO A 20 -10.78 5.09 2.24
N ALA A 21 -11.74 5.65 2.97
CA ALA A 21 -12.06 5.15 4.30
C ALA A 21 -12.79 3.81 4.23
N GLY A 22 -12.19 2.78 4.81
CA GLY A 22 -12.80 1.46 4.79
C GLY A 22 -12.80 0.83 3.41
N GLY A 23 -11.86 1.25 2.57
CA GLY A 23 -11.77 0.72 1.23
C GLY A 23 -10.39 0.19 0.90
N GLU A 24 -10.04 0.17 -0.38
CA GLU A 24 -8.75 -0.32 -0.82
C GLU A 24 -8.43 0.16 -2.23
N LEU A 25 -7.14 0.32 -2.51
CA LEU A 25 -6.71 0.78 -3.82
C LEU A 25 -5.42 0.08 -4.25
N ARG A 26 -5.30 -0.20 -5.54
CA ARG A 26 -4.13 -0.87 -6.09
C ARG A 26 -3.08 0.14 -6.55
N ILE A 27 -1.90 0.08 -5.96
CA ILE A 27 -0.82 0.99 -6.32
C ILE A 27 0.14 0.34 -7.31
N PHE A 28 0.80 1.17 -8.11
CA PHE A 28 1.74 0.67 -9.10
C PHE A 28 3.17 0.70 -8.56
N VAL A 29 3.76 -0.48 -8.41
CA VAL A 29 5.11 -0.59 -7.89
C VAL A 29 6.08 -1.07 -8.98
N GLY A 30 6.88 -0.14 -9.49
CA GLY A 30 7.83 -0.49 -10.54
C GLY A 30 7.20 -0.54 -11.90
N SER A 31 7.57 -1.54 -12.69
CA SER A 31 7.04 -1.70 -14.04
C SER A 31 6.26 -3.00 -14.17
N SER A 32 5.00 -2.89 -14.60
CA SER A 32 4.15 -4.06 -14.75
C SER A 32 3.94 -4.77 -13.42
N HIS A 33 3.88 -3.99 -12.34
CA HIS A 33 3.67 -4.55 -11.01
C HIS A 33 2.81 -3.62 -10.16
N SER A 34 1.96 -4.22 -9.33
CA SER A 34 1.07 -3.44 -8.47
C SER A 34 0.66 -4.26 -7.25
N TYR A 35 0.22 -3.57 -6.20
CA TYR A 35 -0.21 -4.24 -4.97
C TYR A 35 -1.43 -3.55 -4.38
N LEU A 36 -2.42 -4.34 -3.99
CA LEU A 36 -3.65 -3.82 -3.42
C LEU A 36 -3.45 -3.49 -1.94
N ILE A 37 -3.87 -2.30 -1.54
CA ILE A 37 -3.74 -1.86 -0.16
C ILE A 37 -5.11 -1.47 0.42
N LYS A 38 -5.51 -2.17 1.47
CA LYS A 38 -6.79 -1.89 2.13
C LYS A 38 -6.59 -1.01 3.35
N ALA A 39 -7.38 0.07 3.42
CA ALA A 39 -7.30 1.00 4.54
C ALA A 39 -8.44 0.76 5.54
N THR A 40 -8.07 0.39 6.76
CA THR A 40 -9.06 0.13 7.80
C THR A 40 -9.60 1.42 8.39
N SER A 41 -10.63 1.32 9.21
CA SER A 41 -11.25 2.48 9.83
C SER A 41 -10.21 3.28 10.62
N SER A 42 -9.14 2.61 11.04
CA SER A 42 -8.09 3.25 11.81
C SER A 42 -6.88 3.56 10.92
N CYS A 43 -7.12 3.62 9.62
CA CYS A 43 -6.05 3.90 8.65
C CYS A 43 -5.02 2.78 8.64
N GLY A 44 -5.48 1.56 8.90
CA GLY A 44 -4.57 0.42 8.91
C GLY A 44 -4.42 -0.21 7.53
N LEU A 45 -3.21 -0.17 7.00
CA LEU A 45 -2.93 -0.74 5.68
C LEU A 45 -2.78 -2.24 5.77
N SER A 46 -3.15 -2.94 4.70
CA SER A 46 -3.06 -4.39 4.65
C SER A 46 -3.54 -4.93 3.30
N LEU A 47 -2.83 -5.92 2.78
CA LEU A 47 -3.19 -6.52 1.49
C LEU A 47 -4.55 -7.20 1.57
N THR A 48 -5.08 -7.58 0.41
CA THR A 48 -6.37 -8.24 0.35
C THR A 48 -6.23 -9.68 -0.11
N ASN A 49 -6.22 -10.60 0.84
CA ASN A 49 -6.08 -12.02 0.54
C ASN A 49 -4.89 -12.27 -0.37
N GLN A 50 -3.78 -11.59 -0.08
CA GLN A 50 -2.56 -11.75 -0.87
C GLN A 50 -1.32 -11.55 -0.01
N VAL A 51 -0.17 -11.94 -0.54
CA VAL A 51 1.09 -11.82 0.18
C VAL A 51 2.01 -10.82 -0.50
N PHE A 52 3.21 -10.64 0.06
CA PHE A 52 4.18 -9.71 -0.50
C PHE A 52 5.24 -10.46 -1.31
N ILE A 53 6.12 -9.70 -1.96
CA ILE A 53 7.19 -10.29 -2.77
C ILE A 53 8.38 -9.35 -2.86
N ASN A 54 9.58 -9.93 -2.93
CA ASN A 54 10.80 -9.14 -3.03
C ASN A 54 11.00 -8.29 -1.77
N GLY A 55 10.25 -8.61 -0.72
CA GLY A 55 10.36 -7.87 0.52
C GLY A 55 9.51 -6.60 0.52
N GLU A 56 8.63 -6.50 -0.47
CA GLU A 56 7.75 -5.33 -0.58
C GLU A 56 6.88 -5.17 0.67
N SER A 57 6.92 -3.98 1.26
CA SER A 57 6.15 -3.70 2.46
C SER A 57 5.22 -2.52 2.25
N VAL A 58 4.27 -2.35 3.16
CA VAL A 58 3.31 -1.25 3.07
C VAL A 58 3.40 -0.33 4.29
N GLN A 59 3.27 0.96 4.05
CA GLN A 59 3.35 1.95 5.13
C GLN A 59 2.30 3.05 4.93
N SER A 60 1.83 3.61 6.04
CA SER A 60 0.82 4.65 5.99
C SER A 60 1.47 6.01 5.72
N GLY A 61 1.46 6.44 4.46
CA GLY A 61 2.05 7.71 4.11
C GLY A 61 1.37 8.88 4.80
N GLY A 62 0.18 8.64 5.34
CA GLY A 62 -0.55 9.69 6.02
C GLY A 62 -1.98 9.80 5.54
N ARG A 63 -2.52 11.02 5.54
CA ARG A 63 -3.88 11.25 5.11
C ARG A 63 -3.92 11.77 3.67
N CYS A 64 -4.92 11.32 2.91
CA CYS A 64 -5.06 11.74 1.52
C CYS A 64 -5.19 13.25 1.42
N ASN A 1 -9.57 9.94 4.86
CA ASN A 1 -8.92 8.99 3.96
C ASN A 1 -7.51 8.66 4.43
N CYS A 2 -6.91 7.64 3.84
CA CYS A 2 -5.55 7.22 4.19
C CYS A 2 -4.69 7.05 2.96
N VAL A 3 -3.37 7.14 3.14
CA VAL A 3 -2.44 6.99 2.03
C VAL A 3 -1.70 5.66 2.13
N ALA A 4 -1.48 5.03 0.97
CA ALA A 4 -0.77 3.76 0.92
C ALA A 4 0.55 3.89 0.17
N ASN A 5 1.63 3.43 0.79
CA ASN A 5 2.94 3.50 0.18
C ASN A 5 3.61 2.12 0.17
N ILE A 6 4.31 1.82 -0.91
CA ILE A 6 5.00 0.54 -1.05
C ILE A 6 6.52 0.72 -1.00
N LEU A 7 7.17 -0.04 -0.14
CA LEU A 7 8.62 0.03 0.01
C LEU A 7 9.27 -1.28 -0.43
N ASN A 8 10.54 -1.20 -0.81
CA ASN A 8 11.29 -2.38 -1.24
C ASN A 8 11.92 -3.09 -0.05
N ILE A 9 12.80 -4.05 -0.34
CA ILE A 9 13.48 -4.80 0.70
C ILE A 9 14.32 -3.89 1.58
N ASN A 10 14.61 -2.69 1.07
CA ASN A 10 15.40 -1.72 1.81
C ASN A 10 14.51 -0.68 2.47
N GLU A 11 13.23 -0.98 2.57
CA GLU A 11 12.27 -0.07 3.19
C GLU A 11 12.26 1.27 2.48
N ALA A 12 12.63 1.27 1.20
CA ALA A 12 12.66 2.48 0.40
C ALA A 12 11.37 2.65 -0.39
N VAL A 13 10.73 3.79 -0.24
CA VAL A 13 9.48 4.07 -0.94
C VAL A 13 9.66 3.94 -2.45
N ILE A 14 8.92 3.01 -3.05
CA ILE A 14 9.00 2.79 -4.48
C ILE A 14 7.67 3.07 -5.16
N ALA A 15 6.59 2.97 -4.39
CA ALA A 15 5.25 3.23 -4.92
C ALA A 15 4.42 4.04 -3.93
N THR A 16 3.34 4.64 -4.42
CA THR A 16 2.47 5.45 -3.58
C THR A 16 1.04 5.47 -4.13
N GLY A 17 0.07 5.71 -3.25
CA GLY A 17 -1.31 5.74 -3.67
C GLY A 17 -2.24 6.25 -2.57
N CYS A 18 -3.48 6.56 -2.94
CA CYS A 18 -4.45 7.05 -1.98
C CYS A 18 -5.55 6.02 -1.75
N VAL A 19 -5.63 5.50 -0.53
CA VAL A 19 -6.64 4.51 -0.18
C VAL A 19 -7.86 5.16 0.46
N PRO A 20 -9.06 4.77 -0.01
CA PRO A 20 -10.32 5.31 0.52
C PRO A 20 -10.61 4.84 1.93
N ALA A 21 -11.55 5.51 2.59
CA ALA A 21 -11.92 5.16 3.95
C ALA A 21 -12.62 3.81 4.00
N GLY A 22 -12.05 2.88 4.76
CA GLY A 22 -12.63 1.55 4.87
C GLY A 22 -12.63 0.80 3.56
N GLY A 23 -11.79 1.25 2.63
CA GLY A 23 -11.70 0.60 1.33
C GLY A 23 -10.30 0.14 1.00
N GLU A 24 -10.04 -0.12 -0.28
CA GLU A 24 -8.73 -0.58 -0.72
C GLU A 24 -8.38 0.01 -2.07
N LEU A 25 -7.12 0.40 -2.24
CA LEU A 25 -6.65 0.98 -3.50
C LEU A 25 -5.52 0.15 -4.09
N ARG A 26 -5.47 0.07 -5.41
CA ARG A 26 -4.44 -0.69 -6.10
C ARG A 26 -3.30 0.23 -6.55
N ILE A 27 -2.15 0.08 -5.92
CA ILE A 27 -0.99 0.89 -6.25
C ILE A 27 -0.05 0.15 -7.21
N PHE A 28 0.67 0.92 -8.03
CA PHE A 28 1.59 0.34 -8.99
C PHE A 28 3.03 0.50 -8.54
N VAL A 29 3.72 -0.63 -8.37
CA VAL A 29 5.11 -0.61 -7.92
C VAL A 29 6.02 -1.28 -8.95
N GLY A 30 6.38 -0.54 -9.99
CA GLY A 30 7.25 -1.08 -11.03
C GLY A 30 6.83 -0.65 -12.42
N SER A 31 6.77 -1.60 -13.33
CA SER A 31 6.39 -1.31 -14.71
C SER A 31 5.10 -2.05 -15.09
N SER A 32 4.87 -3.18 -14.44
CA SER A 32 3.68 -3.98 -14.70
C SER A 32 3.27 -4.77 -13.46
N HIS A 33 3.59 -4.22 -12.29
CA HIS A 33 3.25 -4.86 -11.03
C HIS A 33 2.53 -3.89 -10.09
N SER A 34 1.44 -4.36 -9.49
CA SER A 34 0.66 -3.53 -8.58
C SER A 34 0.19 -4.34 -7.38
N TYR A 35 -0.04 -3.65 -6.26
CA TYR A 35 -0.50 -4.30 -5.04
C TYR A 35 -1.65 -3.54 -4.40
N LEU A 36 -2.69 -4.26 -4.02
CA LEU A 36 -3.85 -3.65 -3.39
C LEU A 36 -3.62 -3.42 -1.91
N ILE A 37 -3.93 -2.22 -1.43
CA ILE A 37 -3.77 -1.89 -0.02
C ILE A 37 -5.08 -1.48 0.61
N LYS A 38 -5.52 -2.22 1.61
CA LYS A 38 -6.77 -1.93 2.32
C LYS A 38 -6.53 -0.96 3.46
N ALA A 39 -7.61 -0.31 3.91
CA ALA A 39 -7.53 0.65 5.01
C ALA A 39 -8.63 0.41 6.03
N THR A 40 -8.24 0.08 7.26
CA THR A 40 -9.19 -0.18 8.33
C THR A 40 -9.67 1.12 8.95
N SER A 41 -10.58 1.01 9.92
CA SER A 41 -11.13 2.17 10.60
C SER A 41 -10.01 3.02 11.20
N SER A 42 -8.92 2.37 11.58
CA SER A 42 -7.78 3.06 12.17
C SER A 42 -6.69 3.30 11.13
N CYS A 43 -7.10 3.35 9.87
CA CYS A 43 -6.15 3.57 8.77
C CYS A 43 -5.15 2.43 8.67
N GLY A 44 -5.51 1.28 9.24
CA GLY A 44 -4.63 0.13 9.20
C GLY A 44 -4.43 -0.40 7.80
N LEU A 45 -3.19 -0.40 7.34
CA LEU A 45 -2.86 -0.89 6.00
C LEU A 45 -2.62 -2.40 6.01
N SER A 46 -3.01 -3.07 4.94
CA SER A 46 -2.85 -4.51 4.82
C SER A 46 -3.26 -4.99 3.43
N LEU A 47 -2.77 -6.17 3.06
CA LEU A 47 -3.09 -6.75 1.76
C LEU A 47 -4.54 -7.21 1.71
N THR A 48 -5.07 -7.37 0.49
CA THR A 48 -6.44 -7.81 0.30
C THR A 48 -6.50 -9.25 -0.19
N ASN A 49 -6.37 -10.20 0.74
CA ASN A 49 -6.41 -11.62 0.40
C ASN A 49 -5.26 -11.98 -0.53
N GLN A 50 -4.18 -11.20 -0.46
CA GLN A 50 -3.01 -11.43 -1.30
C GLN A 50 -1.73 -11.36 -0.47
N VAL A 51 -0.61 -11.75 -1.09
CA VAL A 51 0.68 -11.71 -0.42
C VAL A 51 1.67 -10.84 -1.16
N PHE A 52 2.73 -10.42 -0.47
CA PHE A 52 3.76 -9.57 -1.07
C PHE A 52 4.98 -10.39 -1.43
N ILE A 53 5.97 -9.73 -2.04
CA ILE A 53 7.20 -10.40 -2.44
C ILE A 53 8.36 -9.41 -2.51
N ASN A 54 9.55 -9.92 -2.83
CA ASN A 54 10.74 -9.09 -2.93
C ASN A 54 10.91 -8.23 -1.69
N GLY A 55 10.45 -8.74 -0.56
CA GLY A 55 10.56 -8.00 0.69
C GLY A 55 9.82 -6.68 0.65
N GLU A 56 8.69 -6.66 -0.06
CA GLU A 56 7.89 -5.44 -0.17
C GLU A 56 7.08 -5.19 1.09
N SER A 57 7.00 -3.93 1.51
CA SER A 57 6.27 -3.56 2.72
C SER A 57 5.33 -2.40 2.44
N VAL A 58 4.33 -2.23 3.30
CA VAL A 58 3.37 -1.15 3.15
C VAL A 58 3.54 -0.10 4.24
N GLN A 59 3.40 1.17 3.86
CA GLN A 59 3.55 2.26 4.81
C GLN A 59 2.41 3.28 4.66
N SER A 60 1.88 3.74 5.79
CA SER A 60 0.79 4.71 5.78
C SER A 60 1.31 6.11 5.48
N GLY A 61 1.16 6.53 4.22
CA GLY A 61 1.60 7.85 3.82
C GLY A 61 0.93 8.95 4.61
N GLY A 62 -0.19 8.63 5.24
CA GLY A 62 -0.91 9.61 6.02
C GLY A 62 -2.31 9.87 5.49
N ARG A 63 -2.67 11.13 5.34
CA ARG A 63 -3.99 11.50 4.84
C ARG A 63 -3.96 11.78 3.34
N CYS A 64 -5.11 11.66 2.69
CA CYS A 64 -5.20 11.89 1.25
C CYS A 64 -5.43 13.37 0.96
N ASN A 1 -9.12 10.40 4.68
CA ASN A 1 -8.73 9.12 4.08
C ASN A 1 -7.41 8.63 4.67
N CYS A 2 -6.85 7.60 4.05
CA CYS A 2 -5.59 7.03 4.50
C CYS A 2 -4.64 6.80 3.32
N VAL A 3 -3.46 7.39 3.38
CA VAL A 3 -2.47 7.24 2.32
C VAL A 3 -1.80 5.87 2.38
N ALA A 4 -1.49 5.33 1.21
CA ALA A 4 -0.85 4.02 1.13
C ALA A 4 0.43 4.09 0.31
N ASN A 5 1.53 3.65 0.91
CA ASN A 5 2.82 3.66 0.25
C ASN A 5 3.47 2.27 0.26
N ILE A 6 4.24 1.96 -0.77
CA ILE A 6 4.91 0.68 -0.88
C ILE A 6 6.42 0.84 -0.83
N LEU A 7 7.08 -0.04 -0.08
CA LEU A 7 8.54 0.01 0.06
C LEU A 7 9.16 -1.28 -0.49
N ASN A 8 10.43 -1.19 -0.88
CA ASN A 8 11.15 -2.33 -1.41
C ASN A 8 11.79 -3.14 -0.28
N ILE A 9 12.59 -4.13 -0.66
CA ILE A 9 13.26 -4.99 0.32
C ILE A 9 14.15 -4.16 1.24
N ASN A 10 14.51 -2.97 0.79
CA ASN A 10 15.35 -2.08 1.58
C ASN A 10 14.51 -1.05 2.34
N GLU A 11 13.21 -1.30 2.41
CA GLU A 11 12.30 -0.40 3.10
C GLU A 11 12.34 0.99 2.47
N ALA A 12 12.50 1.04 1.15
CA ALA A 12 12.55 2.31 0.43
C ALA A 12 11.28 2.54 -0.36
N VAL A 13 10.62 3.66 -0.11
CA VAL A 13 9.38 4.01 -0.81
C VAL A 13 9.56 3.90 -2.32
N ILE A 14 8.94 2.90 -2.91
CA ILE A 14 9.02 2.68 -4.34
C ILE A 14 7.69 3.02 -5.03
N ALA A 15 6.62 2.98 -4.26
CA ALA A 15 5.29 3.28 -4.79
C ALA A 15 4.51 4.17 -3.84
N THR A 16 3.52 4.90 -4.37
CA THR A 16 2.71 5.79 -3.57
C THR A 16 1.27 5.83 -4.09
N GLY A 17 0.32 5.94 -3.16
CA GLY A 17 -1.08 5.99 -3.54
C GLY A 17 -1.97 6.49 -2.42
N CYS A 18 -3.26 6.58 -2.69
CA CYS A 18 -4.22 7.05 -1.69
C CYS A 18 -5.36 6.06 -1.51
N VAL A 19 -5.61 5.68 -0.26
CA VAL A 19 -6.67 4.73 0.05
C VAL A 19 -7.78 5.38 0.86
N PRO A 20 -9.03 5.15 0.46
CA PRO A 20 -10.20 5.72 1.14
C PRO A 20 -10.44 5.10 2.51
N ALA A 21 -11.44 5.58 3.21
CA ALA A 21 -11.76 5.07 4.54
C ALA A 21 -12.56 3.78 4.45
N GLY A 22 -12.00 2.70 5.00
CA GLY A 22 -12.67 1.41 4.96
C GLY A 22 -12.70 0.81 3.57
N GLY A 23 -11.84 1.31 2.69
CA GLY A 23 -11.78 0.80 1.34
C GLY A 23 -10.42 0.25 0.98
N GLU A 24 -10.17 0.10 -0.32
CA GLU A 24 -8.89 -0.42 -0.79
C GLU A 24 -8.46 0.26 -2.09
N LEU A 25 -7.23 -0.01 -2.51
CA LEU A 25 -6.69 0.59 -3.73
C LEU A 25 -5.43 -0.14 -4.18
N ARG A 26 -5.25 -0.24 -5.49
CA ARG A 26 -4.08 -0.91 -6.05
C ARG A 26 -3.00 0.09 -6.40
N ILE A 27 -1.83 -0.07 -5.80
CA ILE A 27 -0.70 0.83 -6.05
C ILE A 27 0.25 0.24 -7.08
N PHE A 28 0.81 1.11 -7.93
CA PHE A 28 1.74 0.67 -8.96
C PHE A 28 3.16 0.60 -8.41
N VAL A 29 3.66 -0.62 -8.25
CA VAL A 29 5.02 -0.82 -7.74
C VAL A 29 5.94 -1.40 -8.82
N GLY A 30 6.91 -0.60 -9.26
CA GLY A 30 7.83 -1.05 -10.28
C GLY A 30 7.50 -0.49 -11.65
N SER A 31 7.59 -1.33 -12.67
CA SER A 31 7.30 -0.90 -14.04
C SER A 31 6.08 -1.62 -14.58
N SER A 32 5.80 -2.81 -14.04
CA SER A 32 4.66 -3.61 -14.47
C SER A 32 4.12 -4.44 -13.32
N HIS A 33 4.23 -3.92 -12.11
CA HIS A 33 3.74 -4.62 -10.93
C HIS A 33 2.89 -3.70 -10.05
N SER A 34 2.07 -4.29 -9.20
CA SER A 34 1.20 -3.53 -8.31
C SER A 34 0.76 -4.37 -7.12
N TYR A 35 0.31 -3.70 -6.07
CA TYR A 35 -0.14 -4.38 -4.87
C TYR A 35 -1.35 -3.68 -4.26
N LEU A 36 -2.39 -4.45 -3.97
CA LEU A 36 -3.61 -3.90 -3.38
C LEU A 36 -3.41 -3.56 -1.91
N ILE A 37 -3.98 -2.45 -1.48
CA ILE A 37 -3.86 -2.01 -0.09
C ILE A 37 -5.21 -1.62 0.49
N LYS A 38 -5.58 -2.24 1.61
CA LYS A 38 -6.85 -1.96 2.26
C LYS A 38 -6.63 -1.20 3.57
N ALA A 39 -7.42 -0.15 3.78
CA ALA A 39 -7.32 0.65 5.00
C ALA A 39 -8.45 0.33 5.97
N THR A 40 -8.08 -0.04 7.19
CA THR A 40 -9.07 -0.38 8.21
C THR A 40 -9.54 0.86 8.95
N SER A 41 -10.39 0.65 9.96
CA SER A 41 -10.90 1.76 10.75
C SER A 41 -9.77 2.60 11.33
N SER A 42 -8.66 1.94 11.66
CA SER A 42 -7.51 2.62 12.23
C SER A 42 -6.51 2.99 11.14
N CYS A 43 -6.97 3.07 9.90
CA CYS A 43 -6.12 3.42 8.77
C CYS A 43 -5.04 2.35 8.58
N GLY A 44 -5.28 1.16 9.11
CA GLY A 44 -4.32 0.09 8.99
C GLY A 44 -4.25 -0.47 7.58
N LEU A 45 -3.04 -0.49 7.02
CA LEU A 45 -2.85 -1.00 5.65
C LEU A 45 -2.64 -2.51 5.67
N SER A 46 -3.05 -3.17 4.59
CA SER A 46 -2.91 -4.61 4.47
C SER A 46 -3.46 -5.10 3.13
N LEU A 47 -2.89 -6.21 2.64
CA LEU A 47 -3.32 -6.78 1.37
C LEU A 47 -4.65 -7.50 1.52
N THR A 48 -5.33 -7.73 0.40
CA THR A 48 -6.61 -8.42 0.41
C THR A 48 -6.52 -9.78 -0.27
N ASN A 49 -6.57 -10.84 0.52
CA ASN A 49 -6.49 -12.20 0.00
C ASN A 49 -5.27 -12.36 -0.90
N GLN A 50 -4.15 -11.78 -0.48
CA GLN A 50 -2.92 -11.86 -1.25
C GLN A 50 -1.71 -11.81 -0.33
N VAL A 51 -0.52 -11.96 -0.91
CA VAL A 51 0.72 -11.93 -0.14
C VAL A 51 1.69 -10.90 -0.71
N PHE A 52 2.85 -10.77 -0.08
CA PHE A 52 3.86 -9.82 -0.52
C PHE A 52 5.11 -10.54 -1.02
N ILE A 53 5.81 -9.91 -1.96
CA ILE A 53 7.03 -10.50 -2.51
C ILE A 53 8.14 -9.46 -2.63
N ASN A 54 9.33 -9.92 -3.00
CA ASN A 54 10.47 -9.02 -3.15
C ASN A 54 10.78 -8.30 -1.85
N GLY A 55 10.28 -8.86 -0.74
CA GLY A 55 10.51 -8.25 0.56
C GLY A 55 9.89 -6.86 0.67
N GLU A 56 8.88 -6.61 -0.15
CA GLU A 56 8.20 -5.32 -0.15
C GLU A 56 7.33 -5.16 1.09
N SER A 57 7.11 -3.92 1.51
CA SER A 57 6.30 -3.63 2.68
C SER A 57 5.38 -2.44 2.43
N VAL A 58 4.47 -2.20 3.36
CA VAL A 58 3.52 -1.09 3.24
C VAL A 58 3.81 -0.01 4.28
N GLN A 59 3.55 1.24 3.91
CA GLN A 59 3.79 2.36 4.81
C GLN A 59 2.60 3.32 4.80
N SER A 60 2.17 3.74 5.98
CA SER A 60 1.05 4.66 6.11
C SER A 60 1.49 6.10 5.85
N GLY A 61 1.32 6.55 4.60
CA GLY A 61 1.70 7.90 4.24
C GLY A 61 0.97 8.94 5.06
N GLY A 62 -0.14 8.55 5.67
CA GLY A 62 -0.91 9.47 6.48
C GLY A 62 -2.37 9.50 6.09
N ARG A 63 -2.88 10.68 5.77
CA ARG A 63 -4.28 10.83 5.38
C ARG A 63 -4.38 11.44 3.99
N CYS A 64 -5.49 11.17 3.31
CA CYS A 64 -5.72 11.69 1.97
C CYS A 64 -7.12 12.28 1.85
N ASN A 1 -9.85 9.59 4.35
CA ASN A 1 -9.12 8.55 3.63
C ASN A 1 -7.66 8.50 4.09
N CYS A 2 -7.04 7.33 3.97
CA CYS A 2 -5.66 7.15 4.38
C CYS A 2 -4.75 7.02 3.15
N VAL A 3 -3.45 7.19 3.37
CA VAL A 3 -2.48 7.09 2.29
C VAL A 3 -1.80 5.73 2.27
N ALA A 4 -1.52 5.22 1.07
CA ALA A 4 -0.88 3.92 0.92
C ALA A 4 0.47 4.06 0.22
N ASN A 5 1.53 3.60 0.89
CA ASN A 5 2.87 3.68 0.34
C ASN A 5 3.54 2.31 0.35
N ILE A 6 4.27 1.99 -0.72
CA ILE A 6 4.96 0.71 -0.82
C ILE A 6 6.47 0.90 -0.78
N LEU A 7 7.15 0.02 -0.06
CA LEU A 7 8.60 0.09 0.07
C LEU A 7 9.25 -1.20 -0.43
N ASN A 8 10.49 -1.09 -0.89
CA ASN A 8 11.23 -2.24 -1.40
C ASN A 8 11.94 -2.98 -0.27
N ILE A 9 12.76 -3.96 -0.63
CA ILE A 9 13.49 -4.74 0.36
C ILE A 9 14.38 -3.83 1.22
N ASN A 10 14.70 -2.66 0.69
CA ASN A 10 15.53 -1.70 1.41
C ASN A 10 14.67 -0.65 2.11
N GLU A 11 13.39 -0.96 2.28
CA GLU A 11 12.47 -0.04 2.94
C GLU A 11 12.45 1.32 2.23
N ALA A 12 12.59 1.29 0.91
CA ALA A 12 12.59 2.52 0.12
C ALA A 12 11.26 2.70 -0.60
N VAL A 13 10.61 3.83 -0.35
CA VAL A 13 9.33 4.13 -0.97
C VAL A 13 9.42 4.00 -2.49
N ILE A 14 8.80 2.96 -3.03
CA ILE A 14 8.80 2.72 -4.46
C ILE A 14 7.43 3.01 -5.08
N ALA A 15 6.41 3.02 -4.23
CA ALA A 15 5.05 3.30 -4.69
C ALA A 15 4.35 4.28 -3.76
N THR A 16 3.44 5.07 -4.32
CA THR A 16 2.70 6.05 -3.55
C THR A 16 1.28 6.21 -4.07
N GLY A 17 0.31 6.07 -3.18
CA GLY A 17 -1.09 6.20 -3.57
C GLY A 17 -1.99 6.49 -2.39
N CYS A 18 -3.30 6.54 -2.65
CA CYS A 18 -4.27 6.81 -1.60
C CYS A 18 -5.31 5.69 -1.52
N VAL A 19 -5.79 5.43 -0.31
CA VAL A 19 -6.78 4.39 -0.09
C VAL A 19 -8.06 4.97 0.54
N PRO A 20 -9.22 4.57 -0.02
CA PRO A 20 -10.52 5.03 0.48
C PRO A 20 -10.86 4.45 1.85
N ALA A 21 -11.73 5.15 2.57
CA ALA A 21 -12.14 4.70 3.90
C ALA A 21 -12.84 3.34 3.82
N GLY A 22 -12.34 2.38 4.61
CA GLY A 22 -12.93 1.05 4.61
C GLY A 22 -12.88 0.39 3.25
N GLY A 23 -12.02 0.91 2.38
CA GLY A 23 -11.90 0.34 1.05
C GLY A 23 -10.48 -0.12 0.75
N GLU A 24 -10.20 -0.35 -0.53
CA GLU A 24 -8.88 -0.80 -0.95
C GLU A 24 -8.54 -0.27 -2.34
N LEU A 25 -7.25 0.01 -2.55
CA LEU A 25 -6.79 0.53 -3.84
C LEU A 25 -5.43 -0.07 -4.21
N ARG A 26 -5.23 -0.29 -5.50
CA ARG A 26 -3.97 -0.86 -5.98
C ARG A 26 -2.98 0.24 -6.37
N ILE A 27 -1.73 0.07 -5.98
CA ILE A 27 -0.70 1.05 -6.28
C ILE A 27 0.45 0.42 -7.06
N PHE A 28 0.92 1.13 -8.08
CA PHE A 28 2.00 0.64 -8.93
C PHE A 28 3.34 0.83 -8.23
N VAL A 29 4.07 -0.26 -8.04
CA VAL A 29 5.37 -0.21 -7.39
C VAL A 29 6.50 -0.05 -8.42
N GLY A 30 6.21 0.68 -9.49
CA GLY A 30 7.20 0.88 -10.52
C GLY A 30 7.86 -0.41 -10.96
N SER A 31 7.11 -1.26 -11.66
CA SER A 31 7.64 -2.54 -12.13
C SER A 31 6.56 -3.32 -12.88
N SER A 32 5.70 -2.60 -13.59
CA SER A 32 4.63 -3.22 -14.35
C SER A 32 3.75 -4.08 -13.45
N HIS A 33 3.75 -3.76 -12.15
CA HIS A 33 2.96 -4.51 -11.18
C HIS A 33 2.52 -3.60 -10.04
N SER A 34 1.32 -3.86 -9.51
CA SER A 34 0.79 -3.07 -8.41
C SER A 34 0.27 -3.97 -7.29
N TYR A 35 0.17 -3.41 -6.09
CA TYR A 35 -0.30 -4.16 -4.93
C TYR A 35 -1.53 -3.49 -4.32
N LEU A 36 -2.53 -4.31 -3.98
CA LEU A 36 -3.76 -3.80 -3.38
C LEU A 36 -3.54 -3.46 -1.91
N ILE A 37 -3.98 -2.26 -1.52
CA ILE A 37 -3.84 -1.81 -0.14
C ILE A 37 -5.20 -1.48 0.48
N LYS A 38 -5.56 -2.22 1.52
CA LYS A 38 -6.83 -2.01 2.20
C LYS A 38 -6.64 -1.14 3.44
N ALA A 39 -7.45 -0.09 3.55
CA ALA A 39 -7.37 0.82 4.69
C ALA A 39 -8.50 0.55 5.67
N THR A 40 -8.14 0.14 6.89
CA THR A 40 -9.12 -0.14 7.92
C THR A 40 -9.66 1.13 8.56
N SER A 41 -10.69 1.00 9.39
CA SER A 41 -11.29 2.15 10.05
C SER A 41 -10.23 2.92 10.84
N SER A 42 -9.16 2.23 11.24
CA SER A 42 -8.10 2.86 12.00
C SER A 42 -6.89 3.15 11.12
N CYS A 43 -7.15 3.29 9.81
CA CYS A 43 -6.09 3.57 8.85
C CYS A 43 -5.09 2.43 8.79
N GLY A 44 -5.54 1.22 9.13
CA GLY A 44 -4.68 0.05 9.11
C GLY A 44 -4.51 -0.51 7.72
N LEU A 45 -3.29 -0.44 7.19
CA LEU A 45 -3.00 -0.95 5.85
C LEU A 45 -2.86 -2.47 5.87
N SER A 46 -3.21 -3.10 4.75
CA SER A 46 -3.12 -4.55 4.64
C SER A 46 -3.57 -5.01 3.26
N LEU A 47 -2.87 -6.01 2.72
CA LEU A 47 -3.20 -6.55 1.40
C LEU A 47 -4.53 -7.27 1.43
N THR A 48 -5.10 -7.49 0.25
CA THR A 48 -6.39 -8.17 0.13
C THR A 48 -6.28 -9.39 -0.78
N ASN A 49 -6.42 -10.58 -0.19
CA ASN A 49 -6.33 -11.82 -0.95
C ASN A 49 -5.03 -11.89 -1.74
N GLN A 50 -4.01 -11.21 -1.24
CA GLN A 50 -2.70 -11.20 -1.90
C GLN A 50 -1.57 -11.28 -0.89
N VAL A 51 -0.39 -11.70 -1.36
CA VAL A 51 0.77 -11.82 -0.49
C VAL A 51 1.82 -10.77 -0.81
N PHE A 52 2.93 -10.80 -0.08
CA PHE A 52 4.01 -9.84 -0.30
C PHE A 52 5.22 -10.52 -0.91
N ILE A 53 5.89 -9.82 -1.81
CA ILE A 53 7.08 -10.36 -2.47
C ILE A 53 8.18 -9.31 -2.58
N ASN A 54 9.37 -9.74 -2.99
CA ASN A 54 10.51 -8.83 -3.12
C ASN A 54 10.83 -8.16 -1.80
N GLY A 55 10.39 -8.77 -0.71
CA GLY A 55 10.64 -8.22 0.61
C GLY A 55 10.04 -6.84 0.78
N GLU A 56 9.05 -6.52 -0.05
CA GLU A 56 8.41 -5.21 0.01
C GLU A 56 7.51 -5.12 1.25
N SER A 57 7.13 -3.89 1.59
CA SER A 57 6.28 -3.65 2.76
C SER A 57 5.35 -2.47 2.51
N VAL A 58 4.33 -2.35 3.36
CA VAL A 58 3.36 -1.26 3.24
C VAL A 58 3.56 -0.22 4.34
N GLN A 59 3.42 1.04 3.99
CA GLN A 59 3.59 2.12 4.95
C GLN A 59 2.43 3.11 4.87
N SER A 60 1.93 3.53 6.03
CA SER A 60 0.81 4.48 6.08
C SER A 60 1.30 5.91 5.88
N GLY A 61 1.17 6.41 4.66
CA GLY A 61 1.59 7.75 4.35
C GLY A 61 0.87 8.80 5.19
N GLY A 62 -0.25 8.40 5.77
CA GLY A 62 -1.02 9.32 6.60
C GLY A 62 -2.37 9.64 6.00
N ARG A 63 -2.68 10.92 5.88
CA ARG A 63 -3.95 11.36 5.31
C ARG A 63 -3.75 11.93 3.91
N CYS A 64 -4.74 11.71 3.05
CA CYS A 64 -4.68 12.20 1.67
C CYS A 64 -4.98 13.69 1.62
N ASN A 1 -9.05 10.51 5.22
CA ASN A 1 -8.58 9.45 4.33
C ASN A 1 -7.21 8.93 4.78
N CYS A 2 -6.69 7.97 4.04
CA CYS A 2 -5.38 7.39 4.36
C CYS A 2 -4.54 7.23 3.09
N VAL A 3 -3.22 7.25 3.26
CA VAL A 3 -2.30 7.10 2.13
C VAL A 3 -1.59 5.76 2.19
N ALA A 4 -1.46 5.12 1.02
CA ALA A 4 -0.79 3.84 0.94
C ALA A 4 0.55 3.96 0.20
N ASN A 5 1.62 3.50 0.85
CA ASN A 5 2.95 3.55 0.25
C ASN A 5 3.61 2.19 0.27
N ILE A 6 4.33 1.87 -0.81
CA ILE A 6 5.02 0.59 -0.91
C ILE A 6 6.52 0.76 -0.85
N LEU A 7 7.19 -0.08 -0.07
CA LEU A 7 8.64 -0.02 0.07
C LEU A 7 9.29 -1.31 -0.41
N ASN A 8 10.54 -1.20 -0.84
CA ASN A 8 11.29 -2.36 -1.32
C ASN A 8 11.97 -3.09 -0.17
N ILE A 9 12.80 -4.08 -0.51
CA ILE A 9 13.51 -4.86 0.49
C ILE A 9 14.38 -3.96 1.35
N ASN A 10 14.71 -2.78 0.83
CA ASN A 10 15.54 -1.83 1.57
C ASN A 10 14.68 -0.78 2.26
N GLU A 11 13.39 -1.07 2.39
CA GLU A 11 12.46 -0.16 3.04
C GLU A 11 12.46 1.20 2.33
N ALA A 12 12.64 1.18 1.02
CA ALA A 12 12.65 2.41 0.23
C ALA A 12 11.34 2.58 -0.53
N VAL A 13 10.69 3.72 -0.33
CA VAL A 13 9.43 4.01 -1.00
C VAL A 13 9.56 3.86 -2.50
N ILE A 14 8.94 2.81 -3.04
CA ILE A 14 8.99 2.55 -4.48
C ILE A 14 7.64 2.84 -5.13
N ALA A 15 6.59 2.85 -4.33
CA ALA A 15 5.25 3.12 -4.82
C ALA A 15 4.44 3.93 -3.82
N THR A 16 3.44 4.64 -4.32
CA THR A 16 2.59 5.47 -3.46
C THR A 16 1.19 5.62 -4.07
N GLY A 17 0.21 5.88 -3.20
CA GLY A 17 -1.16 6.05 -3.66
C GLY A 17 -2.09 6.48 -2.56
N CYS A 18 -3.28 6.92 -2.93
CA CYS A 18 -4.28 7.36 -1.97
C CYS A 18 -5.35 6.30 -1.74
N VAL A 19 -5.68 6.04 -0.48
CA VAL A 19 -6.69 5.05 -0.15
C VAL A 19 -7.79 5.66 0.70
N PRO A 20 -9.05 5.36 0.33
CA PRO A 20 -10.23 5.87 1.03
C PRO A 20 -10.39 5.25 2.41
N ALA A 21 -11.30 5.80 3.21
CA ALA A 21 -11.55 5.30 4.55
C ALA A 21 -12.39 4.02 4.51
N GLY A 22 -11.83 2.93 5.02
CA GLY A 22 -12.54 1.67 5.02
C GLY A 22 -12.56 1.00 3.67
N GLY A 23 -11.90 1.62 2.70
CA GLY A 23 -11.84 1.06 1.35
C GLY A 23 -10.48 0.52 1.00
N GLU A 24 -10.25 0.25 -0.29
CA GLU A 24 -8.98 -0.28 -0.75
C GLU A 24 -8.63 0.29 -2.12
N LEU A 25 -7.34 0.32 -2.42
CA LEU A 25 -6.87 0.84 -3.70
C LEU A 25 -5.62 0.08 -4.17
N ARG A 26 -5.44 0.01 -5.49
CA ARG A 26 -4.29 -0.68 -6.05
C ARG A 26 -3.20 0.31 -6.45
N ILE A 27 -1.99 0.07 -5.95
CA ILE A 27 -0.86 0.94 -6.26
C ILE A 27 0.12 0.26 -7.20
N PHE A 28 0.74 1.05 -8.07
CA PHE A 28 1.71 0.53 -9.03
C PHE A 28 3.12 0.55 -8.44
N VAL A 29 3.69 -0.63 -8.24
CA VAL A 29 5.03 -0.74 -7.68
C VAL A 29 6.06 -1.03 -8.77
N GLY A 30 6.18 -0.11 -9.72
CA GLY A 30 7.12 -0.29 -10.81
C GLY A 30 6.43 -0.47 -12.15
N SER A 31 5.11 -0.33 -12.16
CA SER A 31 4.33 -0.48 -13.38
C SER A 31 4.20 -1.95 -13.76
N SER A 32 5.34 -2.62 -13.92
CA SER A 32 5.36 -4.03 -14.29
C SER A 32 4.43 -4.84 -13.38
N HIS A 33 4.31 -4.40 -12.13
CA HIS A 33 3.46 -5.07 -11.16
C HIS A 33 2.88 -4.08 -10.16
N SER A 34 1.77 -4.46 -9.54
CA SER A 34 1.11 -3.60 -8.56
C SER A 34 0.68 -4.40 -7.33
N TYR A 35 0.23 -3.69 -6.30
CA TYR A 35 -0.21 -4.33 -5.06
C TYR A 35 -1.41 -3.60 -4.48
N LEU A 36 -2.42 -4.37 -4.10
CA LEU A 36 -3.64 -3.80 -3.52
C LEU A 36 -3.45 -3.52 -2.04
N ILE A 37 -3.86 -2.32 -1.62
CA ILE A 37 -3.73 -1.93 -0.22
C ILE A 37 -5.09 -1.58 0.38
N LYS A 38 -5.48 -2.33 1.41
CA LYS A 38 -6.76 -2.10 2.08
C LYS A 38 -6.58 -1.22 3.32
N ALA A 39 -7.43 -0.20 3.43
CA ALA A 39 -7.36 0.71 4.57
C ALA A 39 -8.46 0.40 5.58
N THR A 40 -8.06 0.02 6.78
CA THR A 40 -9.01 -0.31 7.85
C THR A 40 -9.58 0.95 8.48
N SER A 41 -10.59 0.77 9.33
CA SER A 41 -11.22 1.89 10.00
C SER A 41 -10.20 2.73 10.76
N SER A 42 -9.10 2.09 11.16
CA SER A 42 -8.05 2.78 11.89
C SER A 42 -6.88 3.12 10.97
N CYS A 43 -7.18 3.24 9.68
CA CYS A 43 -6.15 3.58 8.69
C CYS A 43 -5.09 2.49 8.62
N GLY A 44 -5.48 1.26 8.98
CA GLY A 44 -4.54 0.16 8.95
C GLY A 44 -4.38 -0.43 7.56
N LEU A 45 -3.18 -0.28 6.99
CA LEU A 45 -2.90 -0.80 5.66
C LEU A 45 -2.63 -2.30 5.70
N SER A 46 -3.00 -2.98 4.62
CA SER A 46 -2.79 -4.43 4.53
C SER A 46 -3.30 -4.97 3.20
N LEU A 47 -2.62 -5.99 2.69
CA LEU A 47 -3.02 -6.60 1.42
C LEU A 47 -4.42 -7.20 1.50
N THR A 48 -5.02 -7.43 0.34
CA THR A 48 -6.37 -7.99 0.28
C THR A 48 -6.33 -9.44 -0.20
N ASN A 49 -6.30 -10.38 0.74
CA ASN A 49 -6.27 -11.80 0.41
C ASN A 49 -5.15 -12.09 -0.58
N GLN A 50 -3.99 -11.49 -0.35
CA GLN A 50 -2.85 -11.70 -1.23
C GLN A 50 -1.54 -11.58 -0.45
N VAL A 51 -0.46 -12.11 -1.01
CA VAL A 51 0.85 -12.07 -0.38
C VAL A 51 1.81 -11.16 -1.14
N PHE A 52 2.88 -10.75 -0.48
CA PHE A 52 3.87 -9.87 -1.09
C PHE A 52 5.14 -10.65 -1.43
N ILE A 53 6.09 -9.96 -2.05
CA ILE A 53 7.36 -10.58 -2.42
C ILE A 53 8.48 -9.55 -2.53
N ASN A 54 9.68 -10.01 -2.84
CA ASN A 54 10.83 -9.13 -2.98
C ASN A 54 10.97 -8.22 -1.75
N GLY A 55 10.53 -8.72 -0.60
CA GLY A 55 10.61 -7.95 0.62
C GLY A 55 9.84 -6.64 0.54
N GLU A 56 8.70 -6.68 -0.13
CA GLU A 56 7.87 -5.49 -0.29
C GLU A 56 6.99 -5.26 0.93
N SER A 57 6.98 -4.04 1.44
CA SER A 57 6.18 -3.70 2.62
C SER A 57 5.29 -2.49 2.34
N VAL A 58 4.26 -2.33 3.15
CA VAL A 58 3.33 -1.21 3.01
C VAL A 58 3.40 -0.27 4.21
N GLN A 59 3.35 1.03 3.94
CA GLN A 59 3.40 2.03 5.00
C GLN A 59 2.38 3.13 4.76
N SER A 60 1.82 3.66 5.85
CA SER A 60 0.82 4.72 5.76
C SER A 60 1.48 6.08 5.54
N GLY A 61 1.49 6.52 4.28
CA GLY A 61 2.10 7.80 3.96
C GLY A 61 1.48 8.95 4.73
N GLY A 62 0.26 8.74 5.22
CA GLY A 62 -0.41 9.77 5.98
C GLY A 62 -1.83 10.02 5.49
N ARG A 63 -2.23 11.28 5.41
CA ARG A 63 -3.56 11.65 4.96
C ARG A 63 -3.55 11.99 3.47
N CYS A 64 -4.69 11.79 2.82
CA CYS A 64 -4.81 12.08 1.39
C CYS A 64 -4.89 13.58 1.15
N ASN A 1 -9.57 10.51 4.71
CA ASN A 1 -9.07 9.31 4.06
C ASN A 1 -7.66 8.98 4.53
N CYS A 2 -7.09 7.90 4.00
CA CYS A 2 -5.75 7.48 4.36
C CYS A 2 -4.86 7.39 3.12
N VAL A 3 -3.56 7.21 3.35
CA VAL A 3 -2.60 7.10 2.26
C VAL A 3 -1.90 5.76 2.28
N ALA A 4 -1.62 5.22 1.09
CA ALA A 4 -0.95 3.93 0.97
C ALA A 4 0.36 4.07 0.21
N ASN A 5 1.44 3.54 0.79
CA ASN A 5 2.76 3.61 0.18
C ASN A 5 3.43 2.24 0.17
N ILE A 6 4.18 1.96 -0.88
CA ILE A 6 4.87 0.68 -1.01
C ILE A 6 6.39 0.87 -0.96
N LEU A 7 7.07 0.00 -0.22
CA LEU A 7 8.51 0.07 -0.09
C LEU A 7 9.18 -1.20 -0.63
N ASN A 8 10.42 -1.07 -1.07
CA ASN A 8 11.16 -2.21 -1.61
C ASN A 8 11.87 -2.97 -0.50
N ILE A 9 12.68 -3.95 -0.89
CA ILE A 9 13.42 -4.76 0.08
C ILE A 9 14.30 -3.88 0.97
N ASN A 10 14.62 -2.69 0.48
CA ASN A 10 15.47 -1.75 1.22
C ASN A 10 14.61 -0.74 1.98
N GLU A 11 13.33 -1.03 2.10
CA GLU A 11 12.41 -0.15 2.80
C GLU A 11 12.38 1.24 2.16
N ALA A 12 12.54 1.27 0.84
CA ALA A 12 12.53 2.52 0.09
C ALA A 12 11.21 2.72 -0.64
N VAL A 13 10.55 3.85 -0.38
CA VAL A 13 9.28 4.16 -1.02
C VAL A 13 9.38 4.06 -2.54
N ILE A 14 8.77 3.02 -3.10
CA ILE A 14 8.79 2.82 -4.55
C ILE A 14 7.43 3.13 -5.17
N ALA A 15 6.39 3.13 -4.35
CA ALA A 15 5.05 3.42 -4.82
C ALA A 15 4.31 4.33 -3.84
N THR A 16 3.37 5.11 -4.37
CA THR A 16 2.59 6.03 -3.54
C THR A 16 1.19 6.20 -4.10
N GLY A 17 0.20 6.09 -3.21
CA GLY A 17 -1.19 6.23 -3.62
C GLY A 17 -2.10 6.61 -2.47
N CYS A 18 -3.33 6.99 -2.79
CA CYS A 18 -4.30 7.38 -1.77
C CYS A 18 -5.36 6.29 -1.59
N VAL A 19 -5.76 6.06 -0.35
CA VAL A 19 -6.77 5.06 -0.04
C VAL A 19 -7.90 5.65 0.79
N PRO A 20 -9.15 5.37 0.39
CA PRO A 20 -10.33 5.86 1.09
C PRO A 20 -10.52 5.21 2.46
N ALA A 21 -11.57 5.63 3.17
CA ALA A 21 -11.85 5.10 4.50
C ALA A 21 -12.63 3.78 4.39
N GLY A 22 -12.04 2.71 4.91
CA GLY A 22 -12.70 1.42 4.87
C GLY A 22 -12.78 0.86 3.46
N GLY A 23 -11.95 1.38 2.56
CA GLY A 23 -11.96 0.92 1.19
C GLY A 23 -10.65 0.26 0.79
N GLU A 24 -10.45 0.09 -0.51
CA GLU A 24 -9.23 -0.53 -1.01
C GLU A 24 -8.82 0.08 -2.34
N LEU A 25 -7.51 0.30 -2.51
CA LEU A 25 -6.98 0.89 -3.72
C LEU A 25 -5.74 0.15 -4.20
N ARG A 26 -5.58 0.03 -5.51
CA ARG A 26 -4.44 -0.65 -6.09
C ARG A 26 -3.34 0.34 -6.45
N ILE A 27 -2.13 0.09 -5.93
CA ILE A 27 -1.00 0.96 -6.20
C ILE A 27 0.04 0.25 -7.07
N PHE A 28 0.66 1.01 -7.97
CA PHE A 28 1.68 0.46 -8.86
C PHE A 28 3.08 0.73 -8.31
N VAL A 29 3.84 -0.35 -8.09
CA VAL A 29 5.19 -0.23 -7.57
C VAL A 29 6.21 -0.24 -8.70
N GLY A 30 5.81 0.28 -9.86
CA GLY A 30 6.70 0.33 -11.00
C GLY A 30 6.25 -0.58 -12.13
N SER A 31 7.08 -0.70 -13.16
CA SER A 31 6.75 -1.54 -14.30
C SER A 31 6.59 -3.00 -13.88
N SER A 32 7.11 -3.34 -12.71
CA SER A 32 7.03 -4.69 -12.19
C SER A 32 5.57 -5.13 -12.06
N HIS A 33 4.85 -4.51 -11.14
CA HIS A 33 3.44 -4.83 -10.93
C HIS A 33 2.82 -3.89 -9.89
N SER A 34 1.60 -4.21 -9.47
CA SER A 34 0.90 -3.40 -8.49
C SER A 34 0.41 -4.25 -7.32
N TYR A 35 0.04 -3.58 -6.23
CA TYR A 35 -0.43 -4.28 -5.04
C TYR A 35 -1.64 -3.57 -4.43
N LEU A 36 -2.68 -4.33 -4.12
CA LEU A 36 -3.89 -3.78 -3.53
C LEU A 36 -3.69 -3.48 -2.05
N ILE A 37 -4.08 -2.27 -1.63
CA ILE A 37 -3.96 -1.86 -0.25
C ILE A 37 -5.32 -1.52 0.37
N LYS A 38 -5.69 -2.26 1.40
CA LYS A 38 -6.97 -2.03 2.07
C LYS A 38 -6.77 -1.22 3.36
N ALA A 39 -7.55 -0.15 3.49
CA ALA A 39 -7.47 0.70 4.67
C ALA A 39 -8.67 0.50 5.58
N THR A 40 -8.41 0.02 6.80
CA THR A 40 -9.47 -0.22 7.77
C THR A 40 -9.86 1.06 8.49
N SER A 41 -10.81 0.95 9.42
CA SER A 41 -11.27 2.11 10.18
C SER A 41 -10.11 2.78 10.90
N SER A 42 -9.10 2.00 11.25
CA SER A 42 -7.93 2.52 11.95
C SER A 42 -6.87 2.98 10.96
N CYS A 43 -7.26 3.13 9.69
CA CYS A 43 -6.34 3.55 8.66
C CYS A 43 -5.24 2.52 8.44
N GLY A 44 -5.44 1.33 8.99
CA GLY A 44 -4.46 0.27 8.85
C GLY A 44 -4.41 -0.30 7.45
N LEU A 45 -3.21 -0.42 6.90
CA LEU A 45 -3.04 -0.96 5.55
C LEU A 45 -2.77 -2.45 5.60
N SER A 46 -3.14 -3.15 4.52
CA SER A 46 -2.94 -4.59 4.44
C SER A 46 -3.46 -5.13 3.12
N LEU A 47 -2.76 -6.13 2.58
CA LEU A 47 -3.16 -6.75 1.31
C LEU A 47 -4.51 -7.44 1.43
N THR A 48 -5.16 -7.66 0.31
CA THR A 48 -6.46 -8.32 0.29
C THR A 48 -6.34 -9.77 -0.15
N ASN A 49 -6.24 -10.67 0.82
CA ASN A 49 -6.12 -12.10 0.54
C ASN A 49 -4.99 -12.35 -0.45
N GLN A 50 -3.92 -11.57 -0.33
CA GLN A 50 -2.77 -11.71 -1.22
C GLN A 50 -1.47 -11.51 -0.45
N VAL A 51 -0.41 -12.17 -0.92
CA VAL A 51 0.90 -12.06 -0.29
C VAL A 51 1.82 -11.13 -1.05
N PHE A 52 2.89 -10.67 -0.40
CA PHE A 52 3.84 -9.77 -1.02
C PHE A 52 5.07 -10.53 -1.51
N ILE A 53 5.99 -9.82 -2.17
CA ILE A 53 7.20 -10.43 -2.68
C ILE A 53 8.31 -9.39 -2.82
N ASN A 54 9.52 -9.86 -3.16
CA ASN A 54 10.66 -8.98 -3.31
C ASN A 54 10.83 -8.07 -2.11
N GLY A 55 10.49 -8.59 -0.92
CA GLY A 55 10.61 -7.81 0.29
C GLY A 55 9.79 -6.53 0.24
N GLU A 56 8.68 -6.56 -0.48
CA GLU A 56 7.82 -5.39 -0.61
C GLU A 56 6.93 -5.23 0.63
N SER A 57 6.87 -4.01 1.14
CA SER A 57 6.07 -3.72 2.32
C SER A 57 5.17 -2.50 2.09
N VAL A 58 4.14 -2.37 2.90
CA VAL A 58 3.21 -1.25 2.79
C VAL A 58 3.27 -0.36 4.02
N GLN A 59 3.21 0.95 3.79
CA GLN A 59 3.27 1.92 4.88
C GLN A 59 2.18 2.99 4.73
N SER A 60 1.62 3.42 5.85
CA SER A 60 0.56 4.43 5.83
C SER A 60 1.16 5.82 5.68
N GLY A 61 1.08 6.36 4.46
CA GLY A 61 1.61 7.68 4.20
C GLY A 61 0.93 8.75 5.03
N GLY A 62 -0.23 8.42 5.58
CA GLY A 62 -0.97 9.37 6.39
C GLY A 62 -2.40 9.58 5.90
N ARG A 63 -2.79 10.83 5.75
CA ARG A 63 -4.13 11.17 5.28
C ARG A 63 -4.09 11.73 3.86
N CYS A 64 -5.11 11.40 3.08
CA CYS A 64 -5.20 11.88 1.70
C CYS A 64 -5.36 13.40 1.66
N ASN A 1 -9.95 9.63 4.77
CA ASN A 1 -9.22 8.61 4.03
C ASN A 1 -7.77 8.56 4.47
N CYS A 2 -7.10 7.45 4.17
CA CYS A 2 -5.69 7.29 4.53
C CYS A 2 -4.82 7.17 3.29
N VAL A 3 -3.51 7.17 3.49
CA VAL A 3 -2.56 7.06 2.39
C VAL A 3 -1.82 5.73 2.41
N ALA A 4 -1.57 5.17 1.23
CA ALA A 4 -0.87 3.89 1.12
C ALA A 4 0.46 4.06 0.39
N ASN A 5 1.51 3.46 0.94
CA ASN A 5 2.83 3.53 0.34
C ASN A 5 3.48 2.16 0.26
N ILE A 6 4.23 1.91 -0.81
CA ILE A 6 4.90 0.63 -1.00
C ILE A 6 6.41 0.80 -0.96
N LEU A 7 7.07 -0.03 -0.16
CA LEU A 7 8.52 0.02 -0.03
C LEU A 7 9.16 -1.24 -0.59
N ASN A 8 10.42 -1.11 -1.02
CA ASN A 8 11.16 -2.25 -1.58
C ASN A 8 11.83 -3.06 -0.48
N ILE A 9 12.64 -4.03 -0.88
CA ILE A 9 13.35 -4.87 0.07
C ILE A 9 14.21 -4.04 1.00
N ASN A 10 14.77 -2.95 0.48
CA ASN A 10 15.62 -2.07 1.26
C ASN A 10 14.78 -1.10 2.08
N GLU A 11 13.46 -1.30 2.06
CA GLU A 11 12.55 -0.44 2.80
C GLU A 11 12.61 1.00 2.29
N ALA A 12 12.33 1.18 1.00
CA ALA A 12 12.35 2.50 0.40
C ALA A 12 11.08 2.77 -0.40
N VAL A 13 10.43 3.89 -0.11
CA VAL A 13 9.20 4.25 -0.80
C VAL A 13 9.37 4.19 -2.32
N ILE A 14 8.78 3.17 -2.94
CA ILE A 14 8.88 3.00 -4.38
C ILE A 14 7.54 3.32 -5.05
N ALA A 15 6.45 3.15 -4.31
CA ALA A 15 5.12 3.42 -4.84
C ALA A 15 4.29 4.24 -3.85
N THR A 16 3.28 4.92 -4.35
CA THR A 16 2.41 5.74 -3.52
C THR A 16 0.97 5.68 -4.00
N GLY A 17 0.04 5.88 -3.07
CA GLY A 17 -1.38 5.84 -3.42
C GLY A 17 -2.26 6.33 -2.29
N CYS A 18 -3.54 6.57 -2.60
CA CYS A 18 -4.50 7.03 -1.61
C CYS A 18 -5.61 6.03 -1.41
N VAL A 19 -5.84 5.62 -0.17
CA VAL A 19 -6.88 4.65 0.15
C VAL A 19 -7.99 5.30 0.97
N PRO A 20 -9.24 5.05 0.57
CA PRO A 20 -10.42 5.60 1.26
C PRO A 20 -10.63 4.97 2.64
N ALA A 21 -11.76 5.29 3.26
CA ALA A 21 -12.08 4.76 4.58
C ALA A 21 -12.78 3.41 4.47
N GLY A 22 -12.16 2.38 5.04
CA GLY A 22 -12.74 1.04 4.99
C GLY A 22 -12.69 0.43 3.60
N GLY A 23 -11.94 1.07 2.71
CA GLY A 23 -11.82 0.58 1.35
C GLY A 23 -10.42 0.09 1.03
N GLU A 24 -10.06 0.13 -0.24
CA GLU A 24 -8.75 -0.32 -0.68
C GLU A 24 -8.42 0.20 -2.07
N LEU A 25 -7.15 0.52 -2.30
CA LEU A 25 -6.71 1.04 -3.59
C LEU A 25 -5.47 0.30 -4.09
N ARG A 26 -5.35 0.16 -5.40
CA ARG A 26 -4.21 -0.52 -5.99
C ARG A 26 -3.10 0.46 -6.36
N ILE A 27 -1.89 0.18 -5.88
CA ILE A 27 -0.75 1.04 -6.15
C ILE A 27 0.20 0.39 -7.15
N PHE A 28 0.75 1.21 -8.05
CA PHE A 28 1.67 0.71 -9.06
C PHE A 28 3.10 0.70 -8.52
N VAL A 29 3.66 -0.50 -8.37
CA VAL A 29 5.01 -0.65 -7.87
C VAL A 29 5.98 -1.04 -8.99
N GLY A 30 6.92 -0.14 -9.30
CA GLY A 30 7.88 -0.41 -10.34
C GLY A 30 7.39 0.06 -11.70
N SER A 31 6.87 -0.86 -12.49
CA SER A 31 6.38 -0.54 -13.83
C SER A 31 5.82 -1.78 -14.52
N SER A 32 5.09 -2.59 -13.77
CA SER A 32 4.50 -3.81 -14.31
C SER A 32 3.70 -4.55 -13.24
N HIS A 33 4.16 -4.46 -12.00
CA HIS A 33 3.48 -5.11 -10.88
C HIS A 33 2.89 -4.09 -9.93
N SER A 34 1.78 -4.45 -9.29
CA SER A 34 1.11 -3.55 -8.35
C SER A 34 0.71 -4.30 -7.09
N TYR A 35 0.22 -3.56 -6.10
CA TYR A 35 -0.20 -4.15 -4.83
C TYR A 35 -1.39 -3.41 -4.26
N LEU A 36 -2.45 -4.16 -3.93
CA LEU A 36 -3.66 -3.57 -3.37
C LEU A 36 -3.50 -3.33 -1.87
N ILE A 37 -3.86 -2.13 -1.43
CA ILE A 37 -3.77 -1.78 -0.01
C ILE A 37 -5.14 -1.43 0.56
N LYS A 38 -5.55 -2.17 1.58
CA LYS A 38 -6.84 -1.94 2.22
C LYS A 38 -6.66 -1.19 3.54
N ALA A 39 -7.43 -0.12 3.72
CA ALA A 39 -7.36 0.67 4.94
C ALA A 39 -8.53 0.36 5.87
N THR A 40 -8.23 0.00 7.10
CA THR A 40 -9.25 -0.33 8.09
C THR A 40 -9.77 0.92 8.77
N SER A 41 -10.60 0.73 9.80
CA SER A 41 -11.16 1.85 10.55
C SER A 41 -10.07 2.60 11.30
N SER A 42 -8.96 1.93 11.55
CA SER A 42 -7.84 2.54 12.27
C SER A 42 -6.74 2.96 11.30
N CYS A 43 -7.09 3.10 10.03
CA CYS A 43 -6.14 3.50 9.00
C CYS A 43 -5.07 2.44 8.82
N GLY A 44 -5.36 1.22 9.26
CA GLY A 44 -4.40 0.13 9.13
C GLY A 44 -4.34 -0.41 7.72
N LEU A 45 -3.12 -0.54 7.19
CA LEU A 45 -2.93 -1.06 5.85
C LEU A 45 -2.76 -2.57 5.86
N SER A 46 -3.12 -3.22 4.75
CA SER A 46 -3.01 -4.67 4.64
C SER A 46 -3.23 -5.11 3.20
N LEU A 47 -2.60 -6.23 2.84
CA LEU A 47 -2.73 -6.77 1.49
C LEU A 47 -4.16 -7.20 1.20
N THR A 48 -4.45 -7.52 -0.05
CA THR A 48 -5.77 -7.95 -0.46
C THR A 48 -5.70 -9.13 -1.41
N ASN A 49 -6.15 -10.30 -0.93
CA ASN A 49 -6.13 -11.52 -1.74
C ASN A 49 -4.70 -11.92 -2.09
N GLN A 50 -3.74 -11.35 -1.37
CA GLN A 50 -2.33 -11.64 -1.62
C GLN A 50 -1.55 -11.67 -0.31
N VAL A 51 -0.24 -11.86 -0.40
CA VAL A 51 0.62 -11.90 0.77
C VAL A 51 1.96 -11.24 0.50
N PHE A 52 2.72 -10.98 1.56
CA PHE A 52 4.03 -10.35 1.43
C PHE A 52 4.90 -11.09 0.41
N ILE A 53 5.33 -10.39 -0.62
CA ILE A 53 6.17 -10.97 -1.66
C ILE A 53 7.06 -9.93 -2.31
N ASN A 54 8.01 -10.39 -3.11
CA ASN A 54 8.94 -9.49 -3.80
C ASN A 54 9.62 -8.55 -2.81
N GLY A 55 9.73 -9.00 -1.56
CA GLY A 55 10.38 -8.19 -0.54
C GLY A 55 9.80 -6.78 -0.48
N GLU A 56 8.51 -6.65 -0.78
CA GLU A 56 7.86 -5.35 -0.76
C GLU A 56 6.93 -5.23 0.45
N SER A 57 6.98 -4.08 1.11
CA SER A 57 6.15 -3.84 2.28
C SER A 57 5.25 -2.63 2.07
N VAL A 58 4.26 -2.49 2.95
CA VAL A 58 3.31 -1.37 2.86
C VAL A 58 3.40 -0.47 4.09
N GLN A 59 3.35 0.84 3.87
CA GLN A 59 3.42 1.80 4.96
C GLN A 59 2.41 2.93 4.76
N SER A 60 1.94 3.51 5.86
CA SER A 60 0.98 4.59 5.80
C SER A 60 1.67 5.92 5.52
N GLY A 61 1.61 6.36 4.27
CA GLY A 61 2.25 7.62 3.89
C GLY A 61 1.68 8.79 4.65
N GLY A 62 0.50 8.61 5.24
CA GLY A 62 -0.13 9.68 5.99
C GLY A 62 -1.63 9.74 5.77
N ARG A 63 -2.22 10.89 6.07
CA ARG A 63 -3.66 11.07 5.90
C ARG A 63 -4.00 11.42 4.46
N CYS A 64 -5.22 11.09 4.05
CA CYS A 64 -5.67 11.35 2.69
C CYS A 64 -6.99 12.14 2.69
N ASN A 1 -8.97 10.64 4.31
CA ASN A 1 -8.66 9.31 3.78
C ASN A 1 -7.32 8.81 4.33
N CYS A 2 -6.86 7.70 3.79
CA CYS A 2 -5.59 7.11 4.21
C CYS A 2 -4.66 6.89 3.02
N VAL A 3 -3.44 7.41 3.14
CA VAL A 3 -2.45 7.27 2.08
C VAL A 3 -1.75 5.91 2.15
N ALA A 4 -1.56 5.29 0.99
CA ALA A 4 -0.90 3.99 0.92
C ALA A 4 0.41 4.08 0.14
N ASN A 5 1.50 3.65 0.78
CA ASN A 5 2.81 3.69 0.14
C ASN A 5 3.49 2.33 0.22
N ILE A 6 4.26 1.99 -0.81
CA ILE A 6 4.97 0.72 -0.85
C ILE A 6 6.48 0.92 -0.78
N LEU A 7 7.15 0.07 -0.02
CA LEU A 7 8.60 0.15 0.14
C LEU A 7 9.27 -1.12 -0.36
N ASN A 8 10.54 -1.01 -0.76
CA ASN A 8 11.29 -2.15 -1.25
C ASN A 8 12.07 -2.81 -0.12
N ILE A 9 12.99 -3.69 -0.48
CA ILE A 9 13.80 -4.41 0.50
C ILE A 9 14.54 -3.41 1.40
N ASN A 10 14.87 -2.26 0.85
CA ASN A 10 15.58 -1.23 1.60
C ASN A 10 14.61 -0.27 2.27
N GLU A 11 13.36 -0.70 2.42
CA GLU A 11 12.33 0.11 3.05
C GLU A 11 12.24 1.48 2.37
N ALA A 12 12.61 1.52 1.09
CA ALA A 12 12.56 2.76 0.32
C ALA A 12 11.24 2.89 -0.44
N VAL A 13 10.57 4.02 -0.25
CA VAL A 13 9.29 4.27 -0.92
C VAL A 13 9.43 4.13 -2.43
N ILE A 14 8.84 3.07 -2.97
CA ILE A 14 8.89 2.81 -4.40
C ILE A 14 7.53 3.04 -5.05
N ALA A 15 6.48 3.02 -4.23
CA ALA A 15 5.12 3.24 -4.73
C ALA A 15 4.31 4.08 -3.75
N THR A 16 3.29 4.75 -4.26
CA THR A 16 2.44 5.60 -3.43
C THR A 16 1.05 5.75 -4.05
N GLY A 17 0.05 6.02 -3.21
CA GLY A 17 -1.31 6.18 -3.69
C GLY A 17 -2.24 6.68 -2.61
N CYS A 18 -3.51 6.87 -2.96
CA CYS A 18 -4.51 7.35 -2.02
C CYS A 18 -5.61 6.31 -1.81
N VAL A 19 -5.78 5.87 -0.58
CA VAL A 19 -6.79 4.88 -0.24
C VAL A 19 -7.92 5.49 0.58
N PRO A 20 -9.17 5.21 0.19
CA PRO A 20 -10.36 5.72 0.87
C PRO A 20 -10.54 5.09 2.25
N ALA A 21 -11.44 5.68 3.04
CA ALA A 21 -11.72 5.17 4.38
C ALA A 21 -12.53 3.89 4.33
N GLY A 22 -11.96 2.81 4.86
CA GLY A 22 -12.65 1.53 4.86
C GLY A 22 -12.76 0.93 3.48
N GLY A 23 -11.86 1.35 2.58
CA GLY A 23 -11.88 0.84 1.23
C GLY A 23 -10.57 0.19 0.83
N GLU A 24 -10.40 -0.07 -0.46
CA GLU A 24 -9.18 -0.69 -0.97
C GLU A 24 -8.78 -0.08 -2.31
N LEU A 25 -7.48 0.00 -2.55
CA LEU A 25 -6.96 0.55 -3.80
C LEU A 25 -5.65 -0.12 -4.20
N ARG A 26 -5.45 -0.28 -5.50
CA ARG A 26 -4.24 -0.91 -6.02
C ARG A 26 -3.20 0.14 -6.41
N ILE A 27 -2.00 0.01 -5.89
CA ILE A 27 -0.93 0.95 -6.19
C ILE A 27 0.09 0.33 -7.16
N PHE A 28 0.65 1.16 -8.03
CA PHE A 28 1.63 0.70 -9.01
C PHE A 28 3.03 0.72 -8.41
N VAL A 29 3.64 -0.46 -8.30
CA VAL A 29 4.98 -0.58 -7.75
C VAL A 29 5.89 -1.35 -8.70
N GLY A 30 6.91 -0.69 -9.21
CA GLY A 30 7.85 -1.34 -10.12
C GLY A 30 7.62 -0.95 -11.57
N SER A 31 6.81 0.09 -11.77
CA SER A 31 6.51 0.57 -13.12
C SER A 31 6.03 -0.58 -14.00
N SER A 32 5.39 -1.56 -13.39
CA SER A 32 4.88 -2.72 -14.11
C SER A 32 3.96 -3.56 -13.23
N HIS A 33 4.33 -3.68 -11.96
CA HIS A 33 3.55 -4.46 -11.01
C HIS A 33 2.69 -3.55 -10.14
N SER A 34 1.90 -4.15 -9.25
CA SER A 34 1.03 -3.39 -8.36
C SER A 34 0.55 -4.26 -7.20
N TYR A 35 0.17 -3.61 -6.10
CA TYR A 35 -0.30 -4.33 -4.92
C TYR A 35 -1.55 -3.65 -4.34
N LEU A 36 -2.54 -4.46 -3.99
CA LEU A 36 -3.78 -3.95 -3.43
C LEU A 36 -3.61 -3.62 -1.95
N ILE A 37 -4.04 -2.42 -1.56
CA ILE A 37 -3.93 -1.98 -0.17
C ILE A 37 -5.30 -1.63 0.40
N LYS A 38 -5.70 -2.33 1.45
CA LYS A 38 -6.99 -2.09 2.09
C LYS A 38 -6.81 -1.29 3.38
N ALA A 39 -7.56 -0.19 3.49
CA ALA A 39 -7.49 0.66 4.66
C ALA A 39 -8.70 0.46 5.57
N THR A 40 -8.46 -0.03 6.78
CA THR A 40 -9.53 -0.28 7.73
C THR A 40 -9.92 1.01 8.46
N SER A 41 -10.83 0.89 9.43
CA SER A 41 -11.29 2.04 10.18
C SER A 41 -10.12 2.77 10.83
N SER A 42 -9.09 2.03 11.21
CA SER A 42 -7.91 2.60 11.84
C SER A 42 -6.86 2.98 10.79
N CYS A 43 -7.30 3.08 9.55
CA CYS A 43 -6.40 3.42 8.45
C CYS A 43 -5.32 2.36 8.27
N GLY A 44 -5.54 1.20 8.89
CA GLY A 44 -4.58 0.12 8.79
C GLY A 44 -4.51 -0.47 7.40
N LEU A 45 -3.29 -0.57 6.86
CA LEU A 45 -3.09 -1.13 5.52
C LEU A 45 -2.88 -2.63 5.59
N SER A 46 -3.26 -3.32 4.51
CA SER A 46 -3.12 -4.77 4.45
C SER A 46 -3.62 -5.30 3.10
N LEU A 47 -2.92 -6.29 2.57
CA LEU A 47 -3.29 -6.89 1.29
C LEU A 47 -4.64 -7.58 1.38
N THR A 48 -5.27 -7.79 0.23
CA THR A 48 -6.58 -8.44 0.18
C THR A 48 -6.48 -9.85 -0.39
N ASN A 49 -6.47 -10.84 0.49
CA ASN A 49 -6.37 -12.24 0.08
C ASN A 49 -5.19 -12.44 -0.87
N GLN A 50 -4.05 -11.84 -0.53
CA GLN A 50 -2.86 -11.96 -1.35
C GLN A 50 -1.60 -11.88 -0.48
N VAL A 51 -0.48 -12.31 -1.05
CA VAL A 51 0.80 -12.28 -0.33
C VAL A 51 1.72 -11.20 -0.88
N PHE A 52 2.88 -11.04 -0.25
CA PHE A 52 3.85 -10.03 -0.68
C PHE A 52 4.98 -10.67 -1.46
N ILE A 53 5.87 -9.84 -2.00
CA ILE A 53 7.01 -10.32 -2.77
C ILE A 53 8.17 -9.34 -2.71
N ASN A 54 9.37 -9.84 -2.97
CA ASN A 54 10.57 -9.01 -2.95
C ASN A 54 10.67 -8.24 -1.64
N GLY A 55 10.11 -8.80 -0.58
CA GLY A 55 10.15 -8.16 0.72
C GLY A 55 9.48 -6.79 0.70
N GLU A 56 8.61 -6.57 -0.27
CA GLU A 56 7.90 -5.30 -0.39
C GLU A 56 6.93 -5.10 0.77
N SER A 57 7.00 -3.94 1.41
CA SER A 57 6.13 -3.64 2.54
C SER A 57 5.30 -2.40 2.25
N VAL A 58 4.38 -2.08 3.16
CA VAL A 58 3.51 -0.92 3.01
C VAL A 58 3.70 0.06 4.16
N GLN A 59 3.37 1.33 3.91
CA GLN A 59 3.51 2.36 4.93
C GLN A 59 2.46 3.45 4.74
N SER A 60 2.09 4.11 5.82
CA SER A 60 1.09 5.18 5.78
C SER A 60 1.73 6.50 5.38
N GLY A 61 1.60 6.85 4.11
CA GLY A 61 2.18 8.10 3.62
C GLY A 61 1.59 9.31 4.30
N GLY A 62 0.45 9.13 4.97
CA GLY A 62 -0.19 10.23 5.65
C GLY A 62 -1.66 10.38 5.27
N ARG A 63 -2.14 11.62 5.26
CA ARG A 63 -3.52 11.90 4.90
C ARG A 63 -3.63 12.31 3.44
N CYS A 64 -4.75 11.95 2.82
CA CYS A 64 -4.99 12.28 1.41
C CYS A 64 -5.64 13.66 1.28
#